data_3OSR
#
_entry.id   3OSR
#
_cell.length_a   56.825
_cell.length_b   74.813
_cell.length_c   171.504
_cell.angle_alpha   90.00
_cell.angle_beta   97.52
_cell.angle_gamma   90.00
#
_symmetry.space_group_name_H-M   'P 1 21 1'
#
loop_
_entity.id
_entity.type
_entity.pdbx_description
1 polymer 'Maltose-binding periplasmic protein,Green fluorescent protein'
2 branched alpha-D-glucopyranose-(1-4)-alpha-D-glucopyranose
3 water water
#
_entity_poly.entity_id   1
_entity_poly.type   'polypeptide(L)'
_entity_poly.pdbx_seq_one_letter_code
;MRGSHHHHHHGMASMTGGQQMGRDLYDDDDKDRWGSKIEEGKLVIWINGDKGYNGLAEVGKKFEKDTGIKVTVEHPDKLE
EKFPQVAATGDGPDIIFWAHDRFGGYAQSGLLAEITPDKAFQDKLYPFTWDAVRYNGKLIAYPIAVEALSLIYNKDLLPN
PPKTWEEIPALDKELKAKGKSALMFNLQEPYFTWPLIAADGGYAFKYENGKYDIKDVGVDNAGAKAGLTFLVDLIKNKHM
NADTDYSIAEAAFNKGETAMTINGPWAWSNIDTSKVNYGVTVLPTFKGQPSKPFVGVLSAGINAASPNKELAKEFLENYL
LTDEGLEAVNKDKPLGAVALKSYEEELGGSHNVYIMADKQRNGIKANFKIRHNIEDGGVQLAYHYQQNTPIGDGPVLLPD
NHYLSTQSKLSKDPNEKRDHMVLLEFVTAAGITLGMDELYKGGTGGSMVSKGEELFTGVVPILVELDGDVNGHKFSVSGE
GEGDATYGKLTLKFICTTGKLPVPWPTLVTTL(C12)VQCFSRYPDHMKQHDFFKSAMPEGYIQERTIFFKDDGNYKTRA
EVKFEGDTLVNRIELKGIDFKEDGNILGHKLEYNFNNPAKDPRIAATMENAQKGEIMPNIPQMSAFWYAVRTAVINAASG
RQTVDEDLKDAQTRITK
;
_entity_poly.pdbx_strand_id   A,B
#
loop_
_chem_comp.id
_chem_comp.type
_chem_comp.name
_chem_comp.formula
GLC D-saccharide, alpha linking alpha-D-glucopyranose 'C6 H12 O6'
#
# COMPACT_ATOMS: atom_id res chain seq x y z
N ARG A 33 22.31 26.84 -22.92
CA ARG A 33 23.62 27.41 -22.44
C ARG A 33 24.49 26.62 -21.32
N TRP A 34 23.99 26.47 -20.07
CA TRP A 34 24.75 25.98 -18.87
C TRP A 34 24.09 24.75 -18.13
N GLY A 35 24.63 24.40 -16.97
CA GLY A 35 24.13 23.27 -16.17
C GLY A 35 22.97 23.63 -15.22
N SER A 36 22.34 22.63 -14.63
CA SER A 36 21.26 22.87 -13.64
C SER A 36 21.86 23.38 -12.35
N LYS A 37 21.11 24.25 -11.70
CA LYS A 37 21.40 24.79 -10.38
C LYS A 37 20.74 23.97 -9.24
N ILE A 38 19.88 23.02 -9.60
CA ILE A 38 19.13 22.28 -8.63
C ILE A 38 20.01 21.24 -7.96
N GLU A 39 19.99 21.15 -6.63
CA GLU A 39 20.91 20.25 -5.94
C GLU A 39 20.55 18.77 -6.08
N GLU A 40 21.53 17.92 -6.36
CA GLU A 40 21.32 16.49 -6.35
C GLU A 40 21.09 15.88 -5.02
N GLY A 41 20.28 14.86 -4.97
CA GLY A 41 20.11 14.04 -3.71
C GLY A 41 19.16 14.63 -2.68
N LYS A 42 18.29 15.52 -3.15
CA LYS A 42 17.20 16.02 -2.36
C LYS A 42 16.04 16.42 -3.24
N LEU A 43 14.90 16.75 -2.64
CA LEU A 43 13.73 17.20 -3.46
C LEU A 43 13.17 18.44 -2.87
N VAL A 44 13.01 19.44 -3.71
CA VAL A 44 12.37 20.69 -3.31
C VAL A 44 11.03 20.68 -4.07
N ILE A 45 9.96 20.92 -3.31
CA ILE A 45 8.60 20.89 -3.79
C ILE A 45 7.94 22.23 -3.58
N TRP A 46 7.30 22.70 -4.63
CA TRP A 46 6.44 23.87 -4.51
C TRP A 46 4.96 23.44 -4.60
N ILE A 47 4.15 23.95 -3.68
CA ILE A 47 2.70 23.78 -3.72
C ILE A 47 2.02 25.04 -3.25
N ASN A 48 0.79 25.26 -3.70
CA ASN A 48 0.07 26.47 -3.31
C ASN A 48 -0.28 26.54 -1.83
N GLY A 49 -0.29 27.78 -1.32
CA GLY A 49 -0.48 28.05 0.10
C GLY A 49 -1.89 27.72 0.62
N ASP A 50 -2.85 27.49 -0.28
CA ASP A 50 -4.19 27.01 0.15
C ASP A 50 -4.33 25.49 0.23
N LYS A 51 -3.28 24.74 -0.14
CA LYS A 51 -3.26 23.27 -0.04
C LYS A 51 -2.58 22.73 1.23
N GLY A 52 -2.78 21.43 1.47
CA GLY A 52 -2.23 20.75 2.63
C GLY A 52 -0.69 20.55 2.59
N TYR A 53 0.05 21.65 2.61
CA TYR A 53 1.49 21.57 2.55
C TYR A 53 2.15 20.97 3.79
N ASN A 54 1.53 21.09 4.96
CA ASN A 54 2.12 20.47 6.16
C ASN A 54 1.95 18.97 6.14
N GLY A 55 0.81 18.55 5.62
CA GLY A 55 0.54 17.16 5.35
C GLY A 55 1.49 16.58 4.32
N LEU A 56 1.66 17.25 3.18
CA LEU A 56 2.65 16.81 2.21
C LEU A 56 4.04 16.71 2.77
N ALA A 57 4.43 17.66 3.63
CA ALA A 57 5.75 17.64 4.27
C ALA A 57 5.87 16.43 5.19
N GLU A 58 4.76 15.96 5.77
CA GLU A 58 4.82 14.74 6.48
C GLU A 58 5.18 13.55 5.56
N VAL A 59 4.62 13.51 4.36
CA VAL A 59 4.97 12.49 3.40
C VAL A 59 6.49 12.63 3.10
N GLY A 60 6.95 13.87 2.98
CA GLY A 60 8.38 14.12 2.72
C GLY A 60 9.24 13.49 3.77
N LYS A 61 8.80 13.66 5.00
CA LYS A 61 9.56 13.15 6.13
C LYS A 61 9.68 11.67 6.15
N LYS A 62 8.62 10.98 5.75
CA LYS A 62 8.64 9.56 5.72
C LYS A 62 9.59 9.11 4.63
N PHE A 63 9.52 9.78 3.47
CA PHE A 63 10.43 9.48 2.38
C PHE A 63 11.90 9.65 2.85
N GLU A 64 12.18 10.77 3.52
CA GLU A 64 13.52 11.03 4.03
C GLU A 64 13.98 9.94 5.00
N LYS A 65 13.07 9.58 5.91
CA LYS A 65 13.34 8.51 6.87
C LYS A 65 13.74 7.20 6.21
N ASP A 66 12.99 6.78 5.20
CA ASP A 66 13.21 5.53 4.54
C ASP A 66 14.45 5.58 3.63
N THR A 67 14.71 6.75 3.02
CA THR A 67 15.68 6.80 1.91
C THR A 67 16.91 7.67 2.11
N GLY A 68 16.89 8.55 3.09
CA GLY A 68 17.94 9.57 3.26
C GLY A 68 17.81 10.78 2.33
N ILE A 69 16.72 10.80 1.52
CA ILE A 69 16.51 11.92 0.59
C ILE A 69 15.65 12.97 1.32
N LYS A 70 16.29 14.09 1.64
CA LYS A 70 15.60 15.19 2.26
C LYS A 70 14.58 15.88 1.31
N VAL A 71 13.39 16.15 1.84
CA VAL A 71 12.30 16.80 1.05
C VAL A 71 11.95 18.10 1.74
N THR A 72 11.99 19.21 1.00
CA THR A 72 11.57 20.54 1.50
C THR A 72 10.35 20.96 0.72
N VAL A 73 9.28 21.26 1.42
CA VAL A 73 8.05 21.75 0.81
C VAL A 73 7.96 23.21 1.06
N GLU A 74 7.76 23.96 -0.03
CA GLU A 74 7.59 25.40 0.05
C GLU A 74 6.31 25.81 -0.64
N HIS A 75 5.80 26.95 -0.18
CA HIS A 75 4.60 27.52 -0.73
C HIS A 75 4.77 29.00 -1.08
N PRO A 76 5.58 29.30 -2.09
CA PRO A 76 5.82 30.68 -2.44
C PRO A 76 4.56 31.37 -2.95
N ASP A 77 4.52 32.68 -2.75
CA ASP A 77 3.53 33.54 -3.38
C ASP A 77 3.65 33.47 -4.91
N LYS A 78 2.51 33.42 -5.58
CA LYS A 78 2.46 33.51 -7.04
C LYS A 78 3.39 32.44 -7.69
N LEU A 79 3.37 31.24 -7.11
CA LEU A 79 4.38 30.25 -7.54
C LEU A 79 4.14 29.83 -9.03
N GLU A 80 2.93 29.97 -9.55
CA GLU A 80 2.64 29.57 -10.91
C GLU A 80 3.21 30.63 -11.84
N GLU A 81 3.48 31.81 -11.31
CA GLU A 81 4.11 32.82 -12.14
C GLU A 81 5.64 32.67 -12.00
N LYS A 82 6.13 32.34 -10.81
CA LYS A 82 7.60 32.25 -10.60
C LYS A 82 8.25 31.01 -11.25
N PHE A 83 7.54 29.87 -11.34
CA PHE A 83 8.11 28.64 -11.94
C PHE A 83 8.74 28.80 -13.34
N PRO A 84 7.97 29.27 -14.35
CA PRO A 84 8.57 29.36 -15.68
C PRO A 84 9.85 30.25 -15.74
N GLN A 85 9.84 31.34 -14.99
CA GLN A 85 10.97 32.24 -14.83
C GLN A 85 12.20 31.53 -14.25
N VAL A 86 12.10 30.90 -13.09
CA VAL A 86 13.27 30.23 -12.50
C VAL A 86 13.66 28.92 -13.27
N ALA A 87 12.67 28.16 -13.73
CA ALA A 87 12.96 26.91 -14.38
C ALA A 87 13.73 27.11 -15.68
N ALA A 88 13.43 28.16 -16.45
CA ALA A 88 14.16 28.46 -17.70
C ALA A 88 15.66 28.65 -17.42
N THR A 89 16.04 29.16 -16.25
CA THR A 89 17.47 29.29 -15.92
C THR A 89 18.09 27.97 -15.45
N GLY A 90 17.31 26.91 -15.31
CA GLY A 90 17.83 25.66 -14.79
C GLY A 90 17.76 25.58 -13.26
N ASP A 91 16.75 26.21 -12.69
CA ASP A 91 16.64 26.37 -11.27
C ASP A 91 15.16 26.05 -10.85
N GLY A 92 14.86 26.19 -9.58
CA GLY A 92 13.52 26.04 -9.09
C GLY A 92 13.32 24.73 -8.37
N PRO A 93 12.09 24.38 -8.09
CA PRO A 93 11.83 23.16 -7.35
C PRO A 93 12.05 21.89 -8.22
N ASP A 94 12.17 20.71 -7.59
CA ASP A 94 12.23 19.48 -8.34
C ASP A 94 10.84 19.08 -8.83
N ILE A 95 9.84 19.41 -8.02
CA ILE A 95 8.43 19.10 -8.26
C ILE A 95 7.56 20.34 -8.05
N ILE A 96 6.60 20.58 -8.94
CA ILE A 96 5.71 21.71 -8.76
C ILE A 96 4.29 21.17 -8.76
N PHE A 97 3.47 21.63 -7.84
CA PHE A 97 2.06 21.26 -7.69
C PHE A 97 1.21 22.42 -8.13
N TRP A 98 0.31 22.16 -9.07
CA TRP A 98 -0.69 23.13 -9.48
C TRP A 98 -1.83 22.39 -10.24
N ALA A 99 -2.96 23.08 -10.41
CA ALA A 99 -4.01 22.56 -11.27
C ALA A 99 -3.41 22.39 -12.68
N HIS A 100 -3.97 21.47 -13.42
CA HIS A 100 -3.38 21.00 -14.61
C HIS A 100 -3.35 22.08 -15.75
N ASP A 101 -4.11 23.16 -15.60
CA ASP A 101 -4.27 24.10 -16.70
C ASP A 101 -2.95 24.79 -17.11
N ARG A 102 -2.09 25.09 -16.13
CA ARG A 102 -0.86 25.82 -16.36
C ARG A 102 0.26 24.94 -16.90
N PHE A 103 0.11 23.62 -16.84
CA PHE A 103 1.22 22.71 -17.11
C PHE A 103 1.48 22.60 -18.64
N GLY A 104 0.49 22.85 -19.48
CA GLY A 104 0.74 22.83 -20.91
C GLY A 104 1.63 23.93 -21.40
N GLY A 105 1.48 25.12 -20.86
CA GLY A 105 2.38 26.21 -21.18
C GLY A 105 3.78 25.89 -20.66
N TYR A 106 3.89 25.30 -19.44
CA TYR A 106 5.19 24.84 -19.00
C TYR A 106 5.82 23.80 -19.97
N ALA A 107 5.00 22.87 -20.43
CA ALA A 107 5.48 21.80 -21.25
C ALA A 107 5.89 22.36 -22.62
N GLN A 108 5.16 23.34 -23.14
CA GLN A 108 5.45 23.94 -24.43
C GLN A 108 6.80 24.64 -24.34
N SER A 109 7.14 25.13 -23.16
CA SER A 109 8.39 25.84 -22.99
C SER A 109 9.55 24.90 -22.69
N GLY A 110 9.37 23.59 -22.71
CA GLY A 110 10.37 22.65 -22.29
C GLY A 110 10.74 22.61 -20.80
N LEU A 111 9.86 23.02 -19.90
CA LEU A 111 10.19 23.08 -18.48
C LEU A 111 9.77 21.87 -17.61
N LEU A 112 9.08 20.91 -18.20
CA LEU A 112 8.60 19.74 -17.49
C LEU A 112 9.16 18.50 -18.17
N ALA A 113 9.59 17.53 -17.37
CA ALA A 113 10.01 16.21 -17.88
C ALA A 113 8.80 15.39 -18.23
N GLU A 114 8.86 14.61 -19.32
CA GLU A 114 7.89 13.59 -19.57
C GLU A 114 7.92 12.54 -18.45
N ILE A 115 6.78 12.27 -17.80
CA ILE A 115 6.76 11.26 -16.77
C ILE A 115 6.59 9.87 -17.40
N THR A 116 6.98 8.82 -16.68
CA THR A 116 7.03 7.42 -17.23
C THR A 116 6.41 6.35 -16.32
N PRO A 117 5.23 6.63 -15.70
CA PRO A 117 4.56 5.55 -15.02
C PRO A 117 4.21 4.39 -15.98
N ASP A 118 4.33 3.18 -15.50
CA ASP A 118 4.05 2.02 -16.30
C ASP A 118 2.56 1.77 -16.27
N LYS A 119 2.10 0.82 -17.09
CA LYS A 119 0.68 0.50 -17.21
C LYS A 119 0.06 0.17 -15.88
N ALA A 120 0.77 -0.60 -15.05
CA ALA A 120 0.23 -1.01 -13.77
C ALA A 120 -0.07 0.22 -12.91
N PHE A 121 0.88 1.15 -12.85
CA PHE A 121 0.64 2.35 -12.10
C PHE A 121 -0.52 3.19 -12.68
N GLN A 122 -0.52 3.39 -14.00
CA GLN A 122 -1.54 4.20 -14.61
C GLN A 122 -2.91 3.64 -14.27
N ASP A 123 -3.01 2.29 -14.24
CA ASP A 123 -4.31 1.65 -13.91
C ASP A 123 -4.77 1.98 -12.51
N LYS A 124 -3.88 2.49 -11.66
CA LYS A 124 -4.28 2.84 -10.30
C LYS A 124 -5.00 4.16 -10.15
N LEU A 125 -4.97 5.01 -11.19
CA LEU A 125 -5.70 6.31 -11.21
C LEU A 125 -6.82 6.32 -12.23
N TYR A 126 -7.85 7.10 -11.99
CA TYR A 126 -8.90 7.24 -13.03
C TYR A 126 -8.34 7.70 -14.43
N PRO A 127 -8.79 7.04 -15.54
CA PRO A 127 -8.22 7.38 -16.88
C PRO A 127 -8.38 8.84 -17.22
N PHE A 128 -9.48 9.41 -16.78
CA PHE A 128 -9.80 10.77 -17.17
C PHE A 128 -8.81 11.79 -16.51
N THR A 129 -8.23 11.40 -15.37
CA THR A 129 -7.28 12.28 -14.72
C THR A 129 -6.00 12.29 -15.50
N TRP A 130 -5.58 11.14 -16.04
CA TRP A 130 -4.44 11.14 -16.93
C TRP A 130 -4.61 12.00 -18.17
N ASP A 131 -5.81 12.00 -18.75
CA ASP A 131 -6.05 12.86 -19.87
C ASP A 131 -5.86 14.36 -19.60
N ALA A 132 -6.12 14.79 -18.35
CA ALA A 132 -5.96 16.20 -17.96
C ALA A 132 -4.47 16.60 -17.96
N VAL A 133 -3.58 15.65 -17.76
CA VAL A 133 -2.15 15.92 -17.68
C VAL A 133 -1.37 15.51 -18.92
N ARG A 134 -2.03 15.44 -20.07
CA ARG A 134 -1.37 15.18 -21.35
C ARG A 134 -1.09 16.45 -22.11
N TYR A 135 0.11 16.61 -22.64
CA TYR A 135 0.33 17.77 -23.53
C TYR A 135 1.02 17.23 -24.82
N ASN A 136 0.47 17.53 -25.98
CA ASN A 136 0.77 16.77 -27.23
C ASN A 136 0.83 15.26 -27.04
N GLY A 137 -0.14 14.69 -26.32
CA GLY A 137 -0.21 13.24 -26.03
C GLY A 137 0.59 12.69 -24.88
N LYS A 138 1.61 13.42 -24.51
CA LYS A 138 2.57 12.96 -23.53
C LYS A 138 2.11 13.36 -22.15
N LEU A 139 2.24 12.41 -21.21
CA LEU A 139 2.03 12.69 -19.81
C LEU A 139 3.15 13.59 -19.29
N ILE A 140 2.76 14.68 -18.62
CA ILE A 140 3.71 15.64 -18.12
C ILE A 140 3.49 15.98 -16.62
N ALA A 141 2.63 15.25 -15.90
CA ALA A 141 2.44 15.46 -14.45
C ALA A 141 1.70 14.26 -13.93
N TYR A 142 1.78 14.02 -12.64
CA TYR A 142 0.94 13.04 -11.92
C TYR A 142 -0.30 13.72 -11.39
N PRO A 143 -1.47 13.23 -11.80
CA PRO A 143 -2.72 13.75 -11.21
C PRO A 143 -2.81 13.34 -9.76
N ILE A 144 -3.34 14.23 -8.94
CA ILE A 144 -3.49 13.98 -7.49
C ILE A 144 -4.98 14.04 -7.11
N ALA A 145 -5.69 15.10 -7.50
CA ALA A 145 -7.10 15.23 -7.12
C ALA A 145 -7.89 16.11 -8.07
N VAL A 146 -9.20 15.88 -8.12
CA VAL A 146 -10.12 16.51 -9.05
C VAL A 146 -10.89 17.56 -8.20
N GLU A 147 -10.74 18.81 -8.56
CA GLU A 147 -11.28 19.96 -7.79
C GLU A 147 -12.40 20.64 -8.59
N ALA A 148 -13.49 20.95 -7.94
CA ALA A 148 -14.51 21.85 -8.51
C ALA A 148 -15.07 22.67 -7.35
N LEU A 149 -15.50 23.88 -7.63
CA LEU A 149 -16.21 24.68 -6.66
C LEU A 149 -17.60 24.10 -6.36
N SER A 150 -18.04 24.29 -5.11
CA SER A 150 -19.38 24.03 -4.73
C SER A 150 -19.95 25.21 -3.97
N LEU A 151 -21.24 25.14 -3.76
CA LEU A 151 -21.92 26.05 -2.85
C LEU A 151 -21.87 25.55 -1.42
N ILE A 152 -21.31 26.40 -0.58
CA ILE A 152 -21.12 26.13 0.83
C ILE A 152 -22.08 27.02 1.56
N TYR A 153 -22.90 26.40 2.41
CA TYR A 153 -23.94 27.14 3.13
C TYR A 153 -24.05 26.80 4.58
N ASN A 154 -24.56 27.78 5.30
CA ASN A 154 -24.67 27.72 6.78
C ASN A 154 -26.06 27.24 7.13
N LYS A 155 -26.11 26.03 7.62
CA LYS A 155 -27.38 25.33 7.83
C LYS A 155 -28.25 25.98 8.86
N ASP A 156 -27.65 26.66 9.81
CA ASP A 156 -28.43 27.35 10.83
C ASP A 156 -29.04 28.63 10.28
N LEU A 157 -28.32 29.30 9.39
CA LEU A 157 -28.86 30.51 8.75
C LEU A 157 -29.77 30.13 7.64
N LEU A 158 -29.54 28.99 6.98
CA LEU A 158 -30.22 28.70 5.76
C LEU A 158 -30.37 27.20 5.58
N PRO A 159 -31.41 26.64 6.17
CA PRO A 159 -31.53 25.18 6.14
C PRO A 159 -31.79 24.63 4.72
N ASN A 160 -32.49 25.37 3.87
CA ASN A 160 -32.63 25.03 2.49
C ASN A 160 -31.96 26.03 1.58
N PRO A 161 -30.78 25.70 1.10
CA PRO A 161 -30.11 26.65 0.23
C PRO A 161 -30.79 26.85 -1.14
N PRO A 162 -30.63 28.03 -1.72
CA PRO A 162 -31.33 28.35 -3.01
C PRO A 162 -30.91 27.47 -4.19
N LYS A 163 -31.84 27.07 -5.02
CA LYS A 163 -31.53 26.30 -6.20
C LYS A 163 -31.13 27.13 -7.38
N THR A 164 -31.42 28.43 -7.31
CA THR A 164 -31.33 29.32 -8.42
C THR A 164 -30.51 30.57 -8.00
N TRP A 165 -29.70 31.10 -8.92
CA TRP A 165 -29.04 32.35 -8.68
C TRP A 165 -30.08 33.47 -8.54
N GLU A 166 -31.19 33.31 -9.26
CA GLU A 166 -32.21 34.38 -9.34
C GLU A 166 -32.90 34.68 -8.01
N GLU A 167 -32.98 33.69 -7.13
CA GLU A 167 -33.62 33.88 -5.85
C GLU A 167 -32.70 34.51 -4.77
N ILE A 168 -31.41 34.70 -5.07
CA ILE A 168 -30.46 35.20 -4.06
C ILE A 168 -30.69 36.66 -3.70
N PRO A 169 -31.03 37.53 -4.67
CA PRO A 169 -31.40 38.90 -4.20
C PRO A 169 -32.46 38.98 -3.12
N ALA A 170 -33.59 38.30 -3.25
CA ALA A 170 -34.59 38.33 -2.18
C ALA A 170 -34.09 37.68 -0.91
N LEU A 171 -33.33 36.59 -1.04
CA LEU A 171 -32.78 36.00 0.16
C LEU A 171 -31.87 37.01 0.89
N ASP A 172 -31.03 37.73 0.16
CA ASP A 172 -30.13 38.73 0.78
C ASP A 172 -30.90 39.78 1.53
N LYS A 173 -32.03 40.19 0.94
CA LYS A 173 -32.84 41.20 1.62
C LYS A 173 -33.42 40.67 2.93
N GLU A 174 -33.88 39.46 2.92
CA GLU A 174 -34.34 38.90 4.14
C GLU A 174 -33.24 38.80 5.21
N LEU A 175 -32.07 38.27 4.83
CA LEU A 175 -30.93 38.10 5.76
C LEU A 175 -30.37 39.41 6.32
N LYS A 176 -30.35 40.42 5.47
CA LYS A 176 -29.88 41.77 5.77
C LYS A 176 -30.72 42.34 6.92
N ALA A 177 -32.00 42.05 6.97
CA ALA A 177 -32.84 42.53 8.12
C ALA A 177 -32.38 41.93 9.44
N LYS A 178 -31.67 40.81 9.39
CA LYS A 178 -31.16 40.13 10.56
C LYS A 178 -29.63 40.34 10.64
N GLY A 179 -29.11 41.22 9.79
CA GLY A 179 -27.73 41.66 9.93
C GLY A 179 -26.69 40.71 9.30
N LYS A 180 -27.18 39.82 8.44
CA LYS A 180 -26.35 38.86 7.73
C LYS A 180 -26.38 39.15 6.22
N SER A 181 -25.48 38.58 5.44
CA SER A 181 -25.66 38.64 3.98
C SER A 181 -26.03 37.26 3.41
N ALA A 182 -26.51 37.20 2.18
CA ALA A 182 -26.75 35.88 1.57
C ALA A 182 -25.47 35.14 1.15
N LEU A 183 -24.57 35.84 0.46
CA LEU A 183 -23.49 35.23 -0.31
C LEU A 183 -22.28 36.15 -0.39
N MET A 184 -21.14 35.60 -0.03
CA MET A 184 -19.86 36.25 -0.26
C MET A 184 -18.87 35.24 -0.82
N PHE A 185 -18.16 35.63 -1.86
CA PHE A 185 -17.16 34.80 -2.44
C PHE A 185 -16.16 35.73 -3.15
N ASN A 186 -14.99 35.19 -3.45
CA ASN A 186 -13.86 35.87 -4.09
C ASN A 186 -14.19 36.34 -5.52
N LEU A 187 -14.43 37.61 -5.68
CA LEU A 187 -14.65 38.18 -6.98
C LEU A 187 -13.37 38.65 -7.62
N GLN A 188 -12.20 38.51 -6.96
CA GLN A 188 -10.95 39.01 -7.50
C GLN A 188 -10.27 38.02 -8.43
N GLU A 189 -10.53 36.75 -8.25
CA GLU A 189 -10.06 35.70 -9.17
C GLU A 189 -11.18 35.12 -10.11
N PRO A 190 -10.96 35.08 -11.45
CA PRO A 190 -11.98 34.63 -12.36
C PRO A 190 -12.42 33.18 -12.22
N TYR A 191 -11.58 32.35 -11.62
CA TYR A 191 -11.97 30.96 -11.36
C TYR A 191 -13.30 30.88 -10.58
N PHE A 192 -13.52 31.84 -9.70
CA PHE A 192 -14.68 31.80 -8.81
C PHE A 192 -15.96 32.37 -9.42
N THR A 193 -15.79 33.29 -10.37
CA THR A 193 -16.97 33.85 -11.05
C THR A 193 -17.31 33.13 -12.33
N TRP A 194 -16.37 32.31 -12.80
CA TRP A 194 -16.61 31.57 -14.04
C TRP A 194 -17.85 30.66 -14.07
N PRO A 195 -18.13 29.95 -12.97
CA PRO A 195 -19.34 29.10 -13.03
C PRO A 195 -20.63 29.82 -13.44
N LEU A 196 -20.89 31.03 -12.92
CA LEU A 196 -21.97 31.88 -13.34
C LEU A 196 -21.82 32.36 -14.77
N ILE A 197 -20.64 32.81 -15.19
CA ILE A 197 -20.40 33.25 -16.58
C ILE A 197 -20.63 32.18 -17.61
N ALA A 198 -20.21 30.95 -17.30
CA ALA A 198 -20.35 29.90 -18.24
C ALA A 198 -21.72 29.29 -18.23
N ALA A 199 -22.51 29.53 -17.19
CA ALA A 199 -23.72 28.77 -16.98
C ALA A 199 -24.64 28.83 -18.22
N ASP A 200 -24.87 30.03 -18.77
CA ASP A 200 -25.79 30.24 -19.92
C ASP A 200 -25.08 30.29 -21.25
N GLY A 201 -23.84 29.78 -21.33
CA GLY A 201 -23.17 29.65 -22.67
C GLY A 201 -21.71 30.09 -22.79
N GLY A 202 -21.13 30.81 -21.79
CA GLY A 202 -19.75 31.23 -21.92
C GLY A 202 -18.86 30.00 -21.94
N TYR A 203 -17.72 30.09 -22.61
CA TYR A 203 -16.76 29.03 -22.63
C TYR A 203 -15.42 29.66 -22.87
N ALA A 204 -14.38 28.91 -22.54
CA ALA A 204 -13.04 29.42 -22.72
C ALA A 204 -12.57 29.29 -24.15
N PHE A 205 -12.06 28.11 -24.54
CA PHE A 205 -11.74 27.83 -25.95
C PHE A 205 -12.65 26.71 -26.51
N LYS A 206 -13.11 26.86 -27.73
CA LYS A 206 -13.98 25.85 -28.32
C LYS A 206 -13.18 24.58 -28.62
N TYR A 207 -13.73 23.43 -28.25
CA TYR A 207 -13.11 22.13 -28.56
C TYR A 207 -13.88 21.49 -29.72
N GLU A 208 -13.11 20.98 -30.68
CA GLU A 208 -13.55 20.50 -31.98
C GLU A 208 -12.66 19.30 -32.32
N ASN A 209 -13.27 18.11 -32.39
CA ASN A 209 -12.56 16.83 -32.62
C ASN A 209 -11.02 16.82 -32.48
N GLY A 210 -10.52 16.73 -31.26
CA GLY A 210 -9.07 16.55 -31.07
C GLY A 210 -8.32 17.72 -30.44
N LYS A 211 -8.79 18.94 -30.65
CA LYS A 211 -8.14 20.10 -30.06
C LYS A 211 -8.99 21.37 -29.95
N TYR A 212 -8.35 22.36 -29.32
CA TYR A 212 -8.96 23.62 -29.02
C TYR A 212 -8.62 24.58 -30.13
N ASP A 213 -9.63 25.27 -30.63
CA ASP A 213 -9.45 26.35 -31.60
C ASP A 213 -9.03 27.60 -30.83
N ILE A 214 -7.75 27.92 -30.90
CA ILE A 214 -7.23 29.05 -30.18
C ILE A 214 -7.89 30.38 -30.59
N LYS A 215 -8.62 30.38 -31.71
CA LYS A 215 -9.32 31.58 -32.16
C LYS A 215 -10.81 31.58 -31.87
N ASP A 216 -11.38 30.49 -31.37
CA ASP A 216 -12.84 30.44 -31.08
C ASP A 216 -13.00 30.49 -29.59
N VAL A 217 -13.30 31.68 -29.08
CA VAL A 217 -13.28 31.96 -27.68
C VAL A 217 -14.72 32.38 -27.29
N GLY A 218 -15.19 31.99 -26.09
CA GLY A 218 -16.60 32.16 -25.70
C GLY A 218 -16.79 33.16 -24.56
N VAL A 219 -15.94 34.16 -24.46
CA VAL A 219 -16.03 35.02 -23.27
C VAL A 219 -16.92 36.21 -23.54
N ASP A 220 -17.27 36.39 -24.80
CA ASP A 220 -18.06 37.53 -25.18
C ASP A 220 -19.32 37.18 -25.94
N ASN A 221 -19.84 35.96 -25.77
CA ASN A 221 -21.22 35.61 -26.32
C ASN A 221 -22.34 35.99 -25.34
N ALA A 222 -23.58 35.70 -25.74
CA ALA A 222 -24.72 36.16 -25.03
C ALA A 222 -24.72 35.54 -23.65
N GLY A 223 -24.30 34.30 -23.53
CA GLY A 223 -24.33 33.59 -22.24
C GLY A 223 -23.32 34.19 -21.27
N ALA A 224 -22.08 34.39 -21.69
CA ALA A 224 -21.09 35.06 -20.82
C ALA A 224 -21.57 36.43 -20.36
N LYS A 225 -22.04 37.25 -21.28
CA LYS A 225 -22.58 38.57 -20.94
C LYS A 225 -23.70 38.48 -19.99
N ALA A 226 -24.57 37.51 -20.18
CA ALA A 226 -25.67 37.47 -19.20
C ALA A 226 -25.18 37.12 -17.78
N GLY A 227 -24.27 36.16 -17.65
CA GLY A 227 -23.74 35.83 -16.28
C GLY A 227 -23.03 36.97 -15.59
N LEU A 228 -22.11 37.62 -16.32
CA LEU A 228 -21.39 38.72 -15.81
C LEU A 228 -22.32 39.91 -15.54
N THR A 229 -23.36 40.12 -16.34
CA THR A 229 -24.42 41.09 -16.00
C THR A 229 -25.15 40.74 -14.72
N PHE A 230 -25.54 39.48 -14.52
CA PHE A 230 -26.16 39.10 -13.25
C PHE A 230 -25.23 39.46 -12.07
N LEU A 231 -23.95 39.16 -12.18
CA LEU A 231 -23.00 39.52 -11.11
C LEU A 231 -22.93 41.02 -10.85
N VAL A 232 -22.72 41.79 -11.92
CA VAL A 232 -22.74 43.23 -11.81
C VAL A 232 -24.02 43.75 -11.21
N ASP A 233 -25.18 43.21 -11.61
CA ASP A 233 -26.48 43.58 -10.97
C ASP A 233 -26.49 43.29 -9.50
N LEU A 234 -25.95 42.14 -9.05
CA LEU A 234 -25.90 41.91 -7.62
C LEU A 234 -25.16 43.06 -6.86
N ILE A 235 -24.07 43.53 -7.41
CA ILE A 235 -23.27 44.60 -6.83
C ILE A 235 -24.02 45.95 -6.86
N LYS A 236 -24.63 46.30 -7.99
CA LYS A 236 -25.45 47.55 -8.12
C LYS A 236 -26.60 47.56 -7.10
N ASN A 237 -27.23 46.40 -6.92
CA ASN A 237 -28.33 46.31 -5.99
C ASN A 237 -27.83 46.06 -4.53
N LYS A 238 -26.54 46.20 -4.30
CA LYS A 238 -25.92 46.02 -2.99
C LYS A 238 -26.16 44.65 -2.30
N HIS A 239 -26.25 43.59 -3.07
CA HIS A 239 -26.19 42.23 -2.52
C HIS A 239 -24.76 41.64 -2.40
N MET A 240 -23.79 42.28 -3.05
CA MET A 240 -22.38 41.90 -3.03
C MET A 240 -21.53 43.19 -3.14
N ASN A 241 -20.31 43.12 -2.65
CA ASN A 241 -19.29 44.15 -2.79
C ASN A 241 -18.24 43.81 -3.84
N ALA A 242 -17.86 44.78 -4.67
CA ALA A 242 -16.85 44.54 -5.70
C ALA A 242 -15.50 44.15 -5.14
N ASP A 243 -15.21 44.57 -3.93
CA ASP A 243 -13.88 44.35 -3.37
C ASP A 243 -13.74 42.98 -2.62
N THR A 244 -14.80 42.18 -2.52
CA THR A 244 -14.71 40.97 -1.72
C THR A 244 -13.63 40.09 -2.37
N ASP A 245 -12.68 39.63 -1.57
CA ASP A 245 -11.63 38.72 -2.03
C ASP A 245 -11.70 37.42 -1.23
N TYR A 246 -10.69 36.58 -1.41
CA TYR A 246 -10.67 35.26 -0.80
C TYR A 246 -10.71 35.34 0.72
N SER A 247 -9.80 36.12 1.30
CA SER A 247 -9.79 36.30 2.80
C SER A 247 -11.04 36.87 3.42
N ILE A 248 -11.60 37.91 2.81
CA ILE A 248 -12.83 38.53 3.36
C ILE A 248 -13.99 37.53 3.36
N ALA A 249 -14.15 36.81 2.25
CA ALA A 249 -15.26 35.89 2.17
C ALA A 249 -15.10 34.76 3.17
N GLU A 250 -13.90 34.18 3.27
CA GLU A 250 -13.69 33.05 4.16
C GLU A 250 -13.95 33.47 5.59
N ALA A 251 -13.39 34.61 6.00
CA ALA A 251 -13.66 35.15 7.37
C ALA A 251 -15.16 35.45 7.58
N ALA A 252 -15.86 36.05 6.59
CA ALA A 252 -17.28 36.31 6.76
C ALA A 252 -18.01 34.97 6.91
N PHE A 253 -17.69 33.96 6.11
CA PHE A 253 -18.50 32.75 6.21
C PHE A 253 -18.16 32.04 7.53
N ASN A 254 -16.87 31.96 7.85
CA ASN A 254 -16.45 31.23 9.07
C ASN A 254 -16.82 31.91 10.40
N LYS A 255 -17.17 33.19 10.38
CA LYS A 255 -17.70 33.87 11.57
C LYS A 255 -19.22 33.95 11.61
N GLY A 256 -19.91 33.35 10.64
CA GLY A 256 -21.37 33.31 10.63
C GLY A 256 -22.07 34.58 10.15
N GLU A 257 -21.38 35.39 9.34
CA GLU A 257 -21.91 36.66 8.89
C GLU A 257 -22.59 36.58 7.53
N THR A 258 -22.25 35.57 6.74
CA THR A 258 -22.92 35.36 5.42
C THR A 258 -23.38 33.92 5.39
N ALA A 259 -24.48 33.69 4.73
CA ALA A 259 -25.12 32.38 4.76
C ALA A 259 -24.48 31.36 3.77
N MET A 260 -23.78 31.85 2.76
CA MET A 260 -23.19 31.10 1.69
C MET A 260 -21.88 31.63 1.24
N THR A 261 -21.08 30.71 0.72
CA THR A 261 -19.90 31.07 -0.03
C THR A 261 -19.70 30.05 -1.12
N ILE A 262 -18.70 30.29 -1.97
CA ILE A 262 -18.38 29.41 -3.08
C ILE A 262 -16.92 29.18 -2.92
N ASN A 263 -16.55 27.92 -2.75
CA ASN A 263 -15.14 27.57 -2.57
C ASN A 263 -14.91 26.11 -2.81
N GLY A 264 -13.65 25.70 -2.79
CA GLY A 264 -13.29 24.33 -3.07
C GLY A 264 -12.98 23.46 -1.85
N PRO A 265 -12.65 22.24 -2.08
CA PRO A 265 -12.48 21.31 -0.96
C PRO A 265 -11.39 21.72 0.04
N TRP A 266 -10.36 22.39 -0.48
CA TRP A 266 -9.29 22.86 0.36
C TRP A 266 -9.76 23.74 1.49
N ALA A 267 -10.94 24.39 1.38
CA ALA A 267 -11.40 25.29 2.43
C ALA A 267 -12.18 24.62 3.58
N TRP A 268 -12.55 23.34 3.47
CA TRP A 268 -13.45 22.68 4.41
C TRP A 268 -12.89 22.55 5.83
N SER A 269 -11.60 22.29 5.95
CA SER A 269 -10.91 22.28 7.28
C SER A 269 -11.03 23.55 8.04
N ASN A 270 -10.77 24.68 7.39
CA ASN A 270 -10.96 25.94 8.16
C ASN A 270 -12.41 26.10 8.67
N ILE A 271 -13.37 25.68 7.86
CA ILE A 271 -14.75 25.75 8.30
C ILE A 271 -14.96 24.75 9.48
N ASP A 272 -14.50 23.50 9.32
CA ASP A 272 -14.61 22.52 10.41
C ASP A 272 -14.24 23.18 11.75
N THR A 273 -13.09 23.88 11.73
CA THR A 273 -12.46 24.53 12.91
C THR A 273 -13.39 25.60 13.46
N SER A 274 -14.01 26.36 12.56
CA SER A 274 -14.89 27.44 13.00
C SER A 274 -16.18 26.90 13.67
N LYS A 275 -16.48 25.63 13.51
CA LYS A 275 -17.67 25.04 14.12
C LYS A 275 -19.00 25.52 13.52
N VAL A 276 -18.96 26.32 12.45
CA VAL A 276 -20.19 26.66 11.75
C VAL A 276 -20.80 25.35 11.26
N ASN A 277 -22.11 25.22 11.36
CA ASN A 277 -22.83 24.03 10.88
C ASN A 277 -23.06 24.15 9.39
N TYR A 278 -22.18 23.61 8.56
CA TYR A 278 -22.25 23.86 7.12
C TYR A 278 -22.61 22.64 6.28
N GLY A 279 -23.10 22.93 5.09
CA GLY A 279 -23.30 21.97 4.03
C GLY A 279 -22.59 22.43 2.78
N VAL A 280 -22.39 21.46 1.90
CA VAL A 280 -21.78 21.65 0.62
C VAL A 280 -22.68 21.05 -0.45
N THR A 281 -23.08 21.81 -1.45
CA THR A 281 -24.12 21.34 -2.36
C THR A 281 -23.88 21.84 -3.76
N VAL A 282 -24.75 21.40 -4.67
CA VAL A 282 -24.76 21.85 -6.02
C VAL A 282 -24.87 23.38 -6.12
N LEU A 283 -24.12 23.96 -7.05
CA LEU A 283 -24.16 25.43 -7.25
C LEU A 283 -25.55 25.79 -7.75
N PRO A 284 -26.00 27.02 -7.48
CA PRO A 284 -27.30 27.41 -8.07
C PRO A 284 -27.36 27.40 -9.65
N THR A 285 -28.54 27.17 -10.23
CA THR A 285 -28.73 27.34 -11.65
C THR A 285 -28.89 28.84 -12.02
N PHE A 286 -28.62 29.17 -13.28
CA PHE A 286 -28.83 30.50 -13.84
C PHE A 286 -29.61 30.30 -15.13
N LYS A 287 -30.71 31.05 -15.34
CA LYS A 287 -31.66 30.83 -16.47
C LYS A 287 -31.98 29.39 -16.72
N GLY A 288 -32.11 28.65 -15.63
CA GLY A 288 -32.46 27.25 -15.71
C GLY A 288 -31.30 26.28 -15.91
N GLN A 289 -30.09 26.73 -16.15
CA GLN A 289 -28.97 25.84 -16.53
C GLN A 289 -27.99 25.73 -15.38
N PRO A 290 -27.36 24.56 -15.21
CA PRO A 290 -26.38 24.46 -14.12
C PRO A 290 -25.23 25.48 -14.24
N SER A 291 -24.72 25.95 -13.11
CA SER A 291 -23.46 26.63 -13.13
C SER A 291 -22.44 25.61 -13.59
N LYS A 292 -21.42 26.10 -14.25
CA LYS A 292 -20.41 25.31 -14.91
C LYS A 292 -19.03 25.67 -14.44
N PRO A 293 -18.65 25.19 -13.27
CA PRO A 293 -17.35 25.52 -12.80
C PRO A 293 -16.27 24.83 -13.66
N PHE A 294 -15.10 25.42 -13.68
CA PHE A 294 -13.99 24.74 -14.27
C PHE A 294 -13.56 23.63 -13.37
N VAL A 295 -13.04 22.57 -13.95
CA VAL A 295 -12.62 21.37 -13.20
C VAL A 295 -11.13 21.39 -13.32
N GLY A 296 -10.46 21.45 -12.17
CA GLY A 296 -9.02 21.46 -12.07
C GLY A 296 -8.59 20.08 -11.48
N VAL A 297 -7.53 19.54 -12.04
CA VAL A 297 -6.85 18.34 -11.57
C VAL A 297 -5.57 18.77 -10.98
N LEU A 298 -5.50 18.82 -9.66
CA LEU A 298 -4.29 19.22 -8.98
C LEU A 298 -3.30 18.19 -9.37
N SER A 299 -2.13 18.61 -9.80
CA SER A 299 -1.21 17.68 -10.44
C SER A 299 0.20 18.08 -10.03
N ALA A 300 1.10 17.08 -10.05
CA ALA A 300 2.47 17.25 -9.72
C ALA A 300 3.38 16.95 -10.89
N GLY A 301 4.12 17.98 -11.28
CA GLY A 301 5.04 17.93 -12.39
C GLY A 301 6.49 17.98 -11.96
N ILE A 302 7.33 17.43 -12.81
CA ILE A 302 8.76 17.28 -12.48
C ILE A 302 9.57 18.24 -13.37
N ASN A 303 10.31 19.15 -12.74
CA ASN A 303 11.12 20.15 -13.45
C ASN A 303 12.09 19.46 -14.44
N ALA A 304 12.11 19.92 -15.68
CA ALA A 304 13.02 19.34 -16.66
C ALA A 304 14.49 19.55 -16.25
N ALA A 305 14.71 20.57 -15.41
CA ALA A 305 16.05 20.82 -14.95
C ALA A 305 16.42 20.07 -13.69
N SER A 306 15.53 19.23 -13.13
CA SER A 306 15.95 18.44 -11.96
C SER A 306 16.88 17.29 -12.33
N PRO A 307 17.96 17.10 -11.56
CA PRO A 307 18.77 15.90 -11.67
C PRO A 307 18.25 14.81 -10.78
N ASN A 308 17.06 15.00 -10.18
CA ASN A 308 16.53 14.04 -9.24
C ASN A 308 15.24 13.45 -9.80
N LYS A 309 15.17 13.21 -11.12
CA LYS A 309 13.89 12.80 -11.72
C LYS A 309 13.46 11.40 -11.28
N GLU A 310 14.38 10.45 -11.14
CA GLU A 310 14.04 9.14 -10.64
C GLU A 310 13.58 9.21 -9.16
N LEU A 311 14.22 10.06 -8.37
CA LEU A 311 13.81 10.14 -6.96
C LEU A 311 12.39 10.75 -6.84
N ALA A 312 12.15 11.75 -7.70
CA ALA A 312 10.85 12.42 -7.76
C ALA A 312 9.80 11.42 -8.16
N LYS A 313 10.12 10.59 -9.12
CA LYS A 313 9.22 9.54 -9.57
C LYS A 313 8.85 8.62 -8.38
N GLU A 314 9.86 8.18 -7.66
CA GLU A 314 9.65 7.29 -6.49
C GLU A 314 8.84 7.97 -5.39
N PHE A 315 9.14 9.21 -5.14
CA PHE A 315 8.34 9.93 -4.18
C PHE A 315 6.85 10.00 -4.56
N LEU A 316 6.58 10.45 -5.76
CA LEU A 316 5.18 10.69 -6.18
C LEU A 316 4.43 9.36 -6.35
N GLU A 317 5.09 8.37 -6.95
CA GLU A 317 4.47 7.06 -7.19
C GLU A 317 4.37 6.17 -5.95
N ASN A 318 5.41 6.10 -5.11
CA ASN A 318 5.48 5.12 -4.03
C ASN A 318 5.21 5.70 -2.68
N TYR A 319 5.20 7.01 -2.57
CA TYR A 319 4.90 7.62 -1.30
C TYR A 319 3.62 8.46 -1.32
N LEU A 320 3.54 9.44 -2.21
CA LEU A 320 2.35 10.33 -2.21
C LEU A 320 1.13 9.64 -2.80
N LEU A 321 1.26 9.01 -3.97
CA LEU A 321 0.09 8.38 -4.57
C LEU A 321 -0.18 6.99 -3.95
N THR A 322 -0.41 6.97 -2.66
CA THR A 322 -0.80 5.81 -1.87
C THR A 322 -1.89 6.28 -0.94
N ASP A 323 -2.63 5.36 -0.34
CA ASP A 323 -3.69 5.74 0.58
C ASP A 323 -3.11 6.51 1.77
N GLU A 324 -1.97 6.05 2.29
CA GLU A 324 -1.36 6.67 3.46
C GLU A 324 -0.88 8.11 3.10
N GLY A 325 -0.23 8.23 1.95
CA GLY A 325 0.27 9.54 1.44
C GLY A 325 -0.86 10.54 1.24
N LEU A 326 -1.91 10.17 0.52
CA LEU A 326 -3.05 11.12 0.27
C LEU A 326 -3.75 11.42 1.53
N GLU A 327 -3.93 10.42 2.41
CA GLU A 327 -4.52 10.73 3.71
C GLU A 327 -3.73 11.75 4.49
N ALA A 328 -2.40 11.75 4.47
CA ALA A 328 -1.66 12.78 5.28
C ALA A 328 -1.95 14.17 4.74
N VAL A 329 -2.03 14.30 3.43
CA VAL A 329 -2.36 15.60 2.78
C VAL A 329 -3.84 15.94 3.06
N ASN A 330 -4.70 14.98 2.87
CA ASN A 330 -6.12 15.17 2.95
C ASN A 330 -6.59 15.63 4.37
N LYS A 331 -5.95 15.12 5.40
CA LYS A 331 -6.26 15.47 6.78
C LYS A 331 -5.78 16.86 7.10
N ASP A 332 -4.82 17.37 6.34
CA ASP A 332 -4.37 18.75 6.51
C ASP A 332 -5.39 19.73 5.89
N LYS A 333 -5.56 19.60 4.59
CA LYS A 333 -6.60 20.30 3.85
C LYS A 333 -7.16 19.33 2.84
N PRO A 334 -8.47 19.17 2.82
CA PRO A 334 -9.07 18.22 1.95
C PRO A 334 -8.79 18.41 0.48
N LEU A 335 -8.50 17.27 -0.18
CA LEU A 335 -8.13 17.23 -1.60
C LEU A 335 -9.34 17.30 -2.59
N GLY A 336 -10.50 16.88 -2.12
CA GLY A 336 -11.67 16.65 -3.00
C GLY A 336 -11.85 15.19 -3.33
N ALA A 337 -12.02 14.93 -4.64
CA ALA A 337 -12.16 13.64 -5.21
C ALA A 337 -10.80 13.24 -5.73
N VAL A 338 -10.13 12.35 -5.06
CA VAL A 338 -8.78 11.99 -5.45
C VAL A 338 -8.69 11.15 -6.70
N ALA A 339 -7.52 11.25 -7.34
CA ALA A 339 -7.28 10.56 -8.61
C ALA A 339 -6.99 9.10 -8.37
N LEU A 340 -6.53 8.77 -7.17
CA LEU A 340 -6.13 7.38 -6.82
C LEU A 340 -7.38 6.57 -6.44
N LYS A 341 -7.71 5.53 -7.20
CA LYS A 341 -8.98 4.83 -7.03
C LYS A 341 -9.12 4.27 -5.63
N SER A 342 -8.06 3.63 -5.13
CA SER A 342 -8.15 2.95 -3.84
C SER A 342 -8.59 3.94 -2.76
N TYR A 343 -8.01 5.13 -2.75
CA TYR A 343 -8.29 6.05 -1.68
C TYR A 343 -9.59 6.81 -1.96
N GLU A 344 -9.90 7.12 -3.20
CA GLU A 344 -11.27 7.59 -3.51
C GLU A 344 -12.34 6.58 -3.10
N GLU A 345 -12.06 5.29 -3.21
CA GLU A 345 -13.05 4.29 -2.71
C GLU A 345 -13.22 4.41 -1.21
N GLU A 346 -12.15 4.65 -0.48
CA GLU A 346 -12.28 4.82 0.98
C GLU A 346 -12.94 6.12 1.33
N LEU A 347 -12.59 7.21 0.65
CA LEU A 347 -13.22 8.48 1.01
C LEU A 347 -14.67 8.50 0.56
N GLY A 348 -14.94 8.06 -0.66
CA GLY A 348 -16.27 8.27 -1.28
C GLY A 348 -17.29 7.24 -0.89
N GLY A 349 -16.85 6.08 -0.45
CA GLY A 349 -17.80 5.00 0.01
C GLY A 349 -18.59 4.26 -1.09
N SER A 350 -18.02 4.20 -2.30
CA SER A 350 -18.64 3.48 -3.43
C SER A 350 -20.09 3.90 -3.62
N HIS A 351 -20.30 5.22 -3.80
CA HIS A 351 -21.64 5.83 -3.84
C HIS A 351 -22.41 5.45 -5.08
N ASN A 352 -21.70 5.36 -6.21
CA ASN A 352 -22.31 5.06 -7.51
C ASN A 352 -22.14 3.59 -7.90
N VAL A 353 -23.07 3.08 -8.73
CA VAL A 353 -23.00 1.77 -9.26
C VAL A 353 -21.83 1.64 -10.22
N TYR A 354 -20.79 0.93 -9.83
CA TYR A 354 -19.58 0.91 -10.65
C TYR A 354 -19.56 -0.32 -11.52
N ILE A 355 -19.43 -0.15 -12.82
CA ILE A 355 -19.67 -1.26 -13.73
C ILE A 355 -18.37 -1.68 -14.41
N MET A 356 -18.13 -3.01 -14.45
CA MET A 356 -16.97 -3.55 -15.20
C MET A 356 -17.35 -4.75 -16.09
N ALA A 357 -16.73 -4.80 -17.28
CA ALA A 357 -16.90 -5.91 -18.24
C ALA A 357 -16.41 -7.14 -17.51
N ASP A 358 -17.16 -8.24 -17.62
CA ASP A 358 -16.71 -9.56 -17.14
C ASP A 358 -16.62 -10.40 -18.40
N LYS A 359 -15.44 -10.39 -19.00
CA LYS A 359 -15.21 -10.97 -20.32
C LYS A 359 -15.52 -12.47 -20.33
N GLN A 360 -15.15 -13.16 -19.24
CA GLN A 360 -15.39 -14.61 -19.08
C GLN A 360 -16.86 -15.03 -19.19
N ARG A 361 -17.78 -14.17 -18.80
CA ARG A 361 -19.19 -14.51 -18.85
C ARG A 361 -19.89 -13.73 -19.92
N ASN A 362 -19.12 -13.07 -20.78
CA ASN A 362 -19.67 -12.23 -21.86
C ASN A 362 -20.76 -11.34 -21.23
N GLY A 363 -20.38 -10.64 -20.16
CA GLY A 363 -21.28 -9.91 -19.29
C GLY A 363 -20.55 -8.82 -18.49
N ILE A 364 -21.12 -8.47 -17.32
CA ILE A 364 -20.58 -7.39 -16.48
C ILE A 364 -20.70 -7.78 -15.02
N LYS A 365 -19.94 -7.08 -14.20
CA LYS A 365 -20.11 -7.12 -12.76
C LYS A 365 -20.20 -5.70 -12.24
N ALA A 366 -20.66 -5.57 -11.01
CA ALA A 366 -20.79 -4.26 -10.47
C ALA A 366 -20.79 -4.40 -8.95
N ASN A 367 -20.32 -3.33 -8.30
CA ASN A 367 -20.41 -3.20 -6.85
C ASN A 367 -20.67 -1.76 -6.49
N PHE A 368 -21.20 -1.61 -5.29
CA PHE A 368 -21.58 -0.32 -4.76
C PHE A 368 -22.13 -0.54 -3.36
N LYS A 369 -22.23 0.53 -2.59
CA LYS A 369 -22.74 0.50 -1.21
C LYS A 369 -23.94 1.42 -1.09
N ILE A 370 -25.03 0.90 -0.57
CA ILE A 370 -26.21 1.69 -0.28
C ILE A 370 -26.16 2.03 1.20
N ARG A 371 -26.59 3.25 1.54
CA ARG A 371 -26.68 3.68 2.91
C ARG A 371 -28.12 4.02 3.21
N HIS A 372 -28.71 3.23 4.09
CA HIS A 372 -30.09 3.37 4.51
C HIS A 372 -30.10 4.09 5.85
N ASN A 373 -30.79 5.21 5.94
CA ASN A 373 -30.93 5.89 7.24
C ASN A 373 -31.71 5.06 8.28
N ILE A 374 -31.16 4.92 9.47
CA ILE A 374 -31.88 4.34 10.64
C ILE A 374 -32.81 5.37 11.37
N GLU A 375 -34.01 4.94 11.79
CA GLU A 375 -35.04 5.89 12.31
C GLU A 375 -34.54 7.02 13.25
N ASP A 376 -33.93 6.69 14.37
CA ASP A 376 -33.54 7.77 15.30
C ASP A 376 -32.05 8.13 15.19
N GLY A 377 -31.45 7.74 14.07
CA GLY A 377 -30.18 8.29 13.62
C GLY A 377 -29.24 7.16 13.26
N GLY A 378 -28.32 7.45 12.36
CA GLY A 378 -27.36 6.45 11.96
C GLY A 378 -27.69 5.87 10.61
N VAL A 379 -26.78 5.05 10.16
CA VAL A 379 -26.82 4.60 8.81
C VAL A 379 -26.52 3.11 8.86
N GLN A 380 -27.31 2.36 8.10
CA GLN A 380 -27.20 0.94 7.93
C GLN A 380 -26.69 0.69 6.54
N LEU A 381 -25.46 0.20 6.45
CA LEU A 381 -24.80 -0.12 5.19
C LEU A 381 -25.33 -1.38 4.53
N ALA A 382 -25.38 -1.36 3.22
CA ALA A 382 -25.72 -2.53 2.46
C ALA A 382 -24.74 -2.64 1.30
N TYR A 383 -23.83 -3.60 1.42
CA TYR A 383 -22.80 -3.80 0.41
C TYR A 383 -23.35 -4.65 -0.71
N HIS A 384 -23.30 -4.15 -1.94
CA HIS A 384 -23.91 -4.84 -3.07
C HIS A 384 -22.83 -5.38 -3.98
N TYR A 385 -22.96 -6.63 -4.39
CA TYR A 385 -22.09 -7.22 -5.40
C TYR A 385 -22.98 -7.68 -6.53
N GLN A 386 -22.55 -7.50 -7.77
CA GLN A 386 -23.45 -7.81 -8.86
C GLN A 386 -22.81 -8.44 -10.06
N GLN A 387 -23.57 -9.30 -10.71
CA GLN A 387 -23.14 -9.82 -11.99
C GLN A 387 -24.30 -10.08 -12.92
N ASN A 388 -24.07 -9.81 -14.19
CA ASN A 388 -25.10 -9.98 -15.20
C ASN A 388 -24.54 -10.79 -16.32
N THR A 389 -25.35 -11.73 -16.81
CA THR A 389 -24.94 -12.61 -17.92
C THR A 389 -26.07 -12.71 -18.96
N PRO A 390 -25.79 -12.47 -20.23
CA PRO A 390 -26.92 -12.50 -21.14
C PRO A 390 -27.56 -13.88 -21.29
N ILE A 391 -28.86 -13.91 -21.55
CA ILE A 391 -29.62 -15.16 -21.71
C ILE A 391 -29.39 -15.74 -23.10
N GLY A 392 -29.44 -14.89 -24.10
CA GLY A 392 -29.31 -15.30 -25.48
C GLY A 392 -27.86 -15.46 -25.79
N ASP A 393 -27.56 -16.17 -26.87
CA ASP A 393 -26.18 -16.43 -27.28
C ASP A 393 -25.66 -15.39 -28.27
N GLY A 394 -26.52 -14.45 -28.67
CA GLY A 394 -26.15 -13.35 -29.57
C GLY A 394 -25.25 -12.27 -28.96
N PRO A 395 -24.62 -11.45 -29.83
CA PRO A 395 -23.60 -10.50 -29.45
C PRO A 395 -24.11 -9.43 -28.47
N VAL A 396 -23.23 -8.98 -27.57
CA VAL A 396 -23.58 -7.93 -26.58
C VAL A 396 -22.44 -6.94 -26.47
N LEU A 397 -22.74 -5.73 -26.00
CA LEU A 397 -21.68 -4.72 -25.73
C LEU A 397 -21.06 -5.00 -24.38
N LEU A 398 -19.73 -5.11 -24.36
CA LEU A 398 -18.99 -5.22 -23.10
C LEU A 398 -18.36 -3.85 -22.83
N PRO A 399 -18.69 -3.22 -21.69
CA PRO A 399 -18.28 -1.81 -21.56
C PRO A 399 -16.91 -1.60 -20.96
N ASP A 400 -16.36 -0.44 -21.22
CA ASP A 400 -15.34 0.12 -20.34
C ASP A 400 -15.91 0.33 -18.92
N ASN A 401 -15.00 0.45 -17.97
CA ASN A 401 -15.34 0.79 -16.59
C ASN A 401 -16.11 2.11 -16.62
N HIS A 402 -17.24 2.13 -15.95
CA HIS A 402 -18.09 3.36 -15.86
C HIS A 402 -19.02 3.25 -14.65
N TYR A 403 -19.81 4.29 -14.38
CA TYR A 403 -20.78 4.17 -13.29
C TYR A 403 -22.17 4.69 -13.70
N LEU A 404 -23.16 4.34 -12.89
CA LEU A 404 -24.53 4.85 -13.04
C LEU A 404 -24.80 5.68 -11.83
N SER A 405 -25.33 6.86 -12.03
CA SER A 405 -25.70 7.74 -10.93
C SER A 405 -27.22 7.62 -10.82
N THR A 406 -27.70 7.32 -9.62
CA THR A 406 -29.11 6.97 -9.40
C THR A 406 -29.70 7.86 -8.33
N GLN A 407 -30.92 8.34 -8.55
CA GLN A 407 -31.69 9.10 -7.59
C GLN A 407 -33.04 8.47 -7.52
N SER A 408 -33.50 8.24 -6.30
CA SER A 408 -34.76 7.53 -6.07
C SER A 408 -35.60 8.27 -5.04
N LYS A 409 -36.90 8.19 -5.19
CA LYS A 409 -37.82 8.86 -4.29
C LYS A 409 -38.95 7.88 -3.96
N LEU A 410 -39.23 7.68 -2.67
CA LEU A 410 -40.26 6.75 -2.29
C LEU A 410 -41.49 7.51 -1.77
N SER A 411 -42.68 6.98 -2.06
CA SER A 411 -43.93 7.58 -1.58
C SER A 411 -44.98 6.48 -1.38
N LYS A 412 -46.14 6.90 -0.93
CA LYS A 412 -47.26 5.99 -0.60
C LYS A 412 -48.45 6.48 -1.36
N ASP A 413 -49.28 5.53 -1.77
CA ASP A 413 -50.49 5.81 -2.53
C ASP A 413 -51.57 5.78 -1.43
N PRO A 414 -52.16 6.94 -1.12
CA PRO A 414 -53.14 6.97 -0.01
C PRO A 414 -54.39 6.08 -0.23
N ASN A 415 -54.69 5.65 -1.45
CA ASN A 415 -55.81 4.74 -1.69
C ASN A 415 -55.46 3.24 -1.53
N GLU A 416 -54.17 2.95 -1.37
CA GLU A 416 -53.73 1.55 -1.42
C GLU A 416 -53.72 1.08 -0.01
N LYS A 417 -54.43 -0.01 0.22
CA LYS A 417 -54.57 -0.56 1.54
C LYS A 417 -53.63 -1.75 1.73
N ARG A 418 -53.17 -2.39 0.66
CA ARG A 418 -52.20 -3.47 0.85
C ARG A 418 -50.83 -2.82 1.18
N ASP A 419 -49.90 -3.59 1.70
CA ASP A 419 -48.60 -3.06 2.05
C ASP A 419 -47.91 -2.85 0.69
N HIS A 420 -47.42 -1.64 0.43
CA HIS A 420 -46.99 -1.22 -0.95
C HIS A 420 -45.85 -0.17 -0.98
N MET A 421 -45.25 0.01 -2.16
CA MET A 421 -44.27 1.09 -2.39
C MET A 421 -44.44 1.73 -3.76
N VAL A 422 -44.47 3.05 -3.80
CA VAL A 422 -44.45 3.86 -5.00
C VAL A 422 -43.00 4.41 -5.13
N LEU A 423 -42.40 4.13 -6.26
CA LEU A 423 -41.06 4.51 -6.56
C LEU A 423 -40.98 5.36 -7.84
N LEU A 424 -40.18 6.43 -7.77
CA LEU A 424 -39.72 7.25 -8.93
C LEU A 424 -38.21 7.26 -8.89
N GLU A 425 -37.61 6.84 -9.98
CA GLU A 425 -36.13 6.77 -10.08
C GLU A 425 -35.66 7.40 -11.35
N PHE A 426 -34.51 8.05 -11.26
CA PHE A 426 -33.76 8.54 -12.39
C PHE A 426 -32.37 8.02 -12.32
N VAL A 427 -31.94 7.48 -13.46
CA VAL A 427 -30.63 6.90 -13.65
C VAL A 427 -29.92 7.38 -14.94
N THR A 428 -28.68 7.86 -14.77
CA THR A 428 -27.78 8.26 -15.91
C THR A 428 -26.38 7.61 -15.83
N ALA A 429 -25.83 7.16 -16.95
CA ALA A 429 -24.46 6.67 -17.00
C ALA A 429 -23.42 7.82 -17.01
N ALA A 430 -22.27 7.66 -16.38
CA ALA A 430 -21.16 8.64 -16.44
C ALA A 430 -19.88 7.88 -16.02
N GLY A 431 -18.79 8.61 -15.83
CA GLY A 431 -17.58 8.03 -15.27
C GLY A 431 -16.47 7.77 -16.27
N ILE A 432 -16.63 8.27 -17.48
CA ILE A 432 -15.52 8.18 -18.43
C ILE A 432 -14.87 9.54 -18.70
N THR A 433 -15.67 10.61 -18.83
CA THR A 433 -15.10 11.96 -19.10
C THR A 433 -15.40 12.98 -17.97
N LYS A 451 -28.76 -2.80 -31.18
CA LYS A 451 -30.12 -2.74 -31.78
C LYS A 451 -31.19 -2.91 -30.73
N GLY A 452 -30.86 -3.62 -29.65
CA GLY A 452 -31.72 -3.74 -28.49
C GLY A 452 -32.13 -2.36 -27.99
N GLU A 453 -31.26 -1.39 -28.21
CA GLU A 453 -31.59 0.01 -27.90
C GLU A 453 -32.89 0.53 -28.55
N GLU A 454 -33.25 -0.02 -29.70
CA GLU A 454 -34.42 0.45 -30.41
C GLU A 454 -35.69 0.08 -29.63
N LEU A 455 -35.62 -0.94 -28.79
CA LEU A 455 -36.79 -1.38 -27.99
C LEU A 455 -37.17 -0.40 -26.85
N PHE A 456 -36.31 0.60 -26.63
CA PHE A 456 -36.39 1.55 -25.51
C PHE A 456 -36.59 3.02 -25.93
N THR A 457 -36.90 3.30 -27.18
CA THR A 457 -37.00 4.71 -27.61
C THR A 457 -38.34 5.37 -27.15
N GLY A 458 -39.30 4.58 -26.70
CA GLY A 458 -40.59 5.09 -26.27
C GLY A 458 -40.71 4.87 -24.76
N VAL A 459 -41.92 4.53 -24.32
CA VAL A 459 -42.18 4.32 -22.94
C VAL A 459 -42.65 2.90 -22.76
N VAL A 460 -41.86 2.08 -22.10
CA VAL A 460 -42.09 0.65 -21.97
C VAL A 460 -42.81 0.25 -20.68
N PRO A 461 -43.90 -0.54 -20.80
CA PRO A 461 -44.53 -1.05 -19.62
C PRO A 461 -43.63 -2.05 -18.91
N ILE A 462 -43.67 -2.03 -17.60
CA ILE A 462 -42.82 -2.92 -16.87
C ILE A 462 -43.69 -3.77 -15.96
N LEU A 463 -43.28 -5.00 -15.75
CA LEU A 463 -43.86 -5.88 -14.73
C LEU A 463 -42.72 -6.47 -13.90
N VAL A 464 -42.91 -6.53 -12.59
CA VAL A 464 -41.95 -7.15 -11.69
C VAL A 464 -42.60 -8.21 -10.78
N GLU A 465 -41.95 -9.36 -10.61
CA GLU A 465 -42.44 -10.40 -9.73
C GLU A 465 -41.26 -10.84 -8.87
N LEU A 466 -41.45 -10.88 -7.58
CA LEU A 466 -40.42 -11.31 -6.66
C LEU A 466 -40.98 -12.34 -5.68
N ASP A 467 -40.30 -13.48 -5.58
CA ASP A 467 -40.50 -14.44 -4.50
C ASP A 467 -39.29 -14.38 -3.55
N GLY A 468 -39.60 -14.09 -2.28
CA GLY A 468 -38.61 -13.92 -1.27
C GLY A 468 -38.70 -14.95 -0.16
N ASP A 469 -37.57 -15.23 0.47
CA ASP A 469 -37.54 -16.05 1.67
C ASP A 469 -36.40 -15.53 2.58
N VAL A 470 -36.76 -14.86 3.67
CA VAL A 470 -35.76 -14.21 4.56
C VAL A 470 -35.76 -14.85 5.95
N ASN A 471 -34.71 -15.60 6.28
CA ASN A 471 -34.64 -16.36 7.53
C ASN A 471 -35.85 -17.30 7.59
N GLY A 472 -36.31 -17.79 6.44
CA GLY A 472 -37.41 -18.79 6.36
C GLY A 472 -38.79 -18.15 6.27
N HIS A 473 -38.83 -16.81 6.16
CA HIS A 473 -40.07 -16.05 6.10
C HIS A 473 -40.32 -15.71 4.67
N LYS A 474 -41.37 -16.34 4.15
CA LYS A 474 -41.70 -16.28 2.76
C LYS A 474 -42.67 -15.11 2.46
N PHE A 475 -42.48 -14.52 1.28
CA PHE A 475 -43.26 -13.36 0.89
C PHE A 475 -43.08 -13.15 -0.58
N SER A 476 -44.01 -12.39 -1.13
CA SER A 476 -44.05 -12.14 -2.57
C SER A 476 -44.39 -10.70 -2.88
N VAL A 477 -43.86 -10.23 -3.99
CA VAL A 477 -44.08 -8.82 -4.42
C VAL A 477 -44.31 -8.82 -5.88
N SER A 478 -45.31 -8.05 -6.27
CA SER A 478 -45.55 -7.80 -7.67
CA SER A 478 -45.60 -7.77 -7.69
C SER A 478 -45.50 -6.29 -7.88
N GLY A 479 -44.90 -5.90 -8.99
CA GLY A 479 -44.92 -4.52 -9.35
C GLY A 479 -45.26 -4.29 -10.79
N GLU A 480 -45.71 -3.09 -11.07
CA GLU A 480 -45.83 -2.65 -12.42
C GLU A 480 -45.61 -1.17 -12.58
N GLY A 481 -45.29 -0.77 -13.80
CA GLY A 481 -45.33 0.65 -14.15
C GLY A 481 -44.72 0.86 -15.48
N GLU A 482 -43.80 1.81 -15.57
CA GLU A 482 -43.22 2.13 -16.83
C GLU A 482 -41.83 2.78 -16.81
N GLY A 483 -41.06 2.54 -17.87
CA GLY A 483 -39.72 3.15 -18.05
C GLY A 483 -39.58 3.99 -19.30
N ASP A 484 -38.90 5.11 -19.16
CA ASP A 484 -38.67 6.06 -20.26
C ASP A 484 -37.16 6.27 -20.33
N ALA A 485 -36.46 5.39 -21.07
CA ALA A 485 -34.98 5.43 -21.08
C ALA A 485 -34.40 6.68 -21.63
N THR A 486 -35.10 7.34 -22.53
CA THR A 486 -34.70 8.69 -22.97
C THR A 486 -34.40 9.69 -21.82
N TYR A 487 -35.16 9.63 -20.74
CA TYR A 487 -34.94 10.45 -19.57
C TYR A 487 -34.37 9.65 -18.44
N GLY A 488 -34.04 8.39 -18.66
CA GLY A 488 -33.54 7.56 -17.54
C GLY A 488 -34.57 7.34 -16.41
N LYS A 489 -35.88 7.37 -16.72
CA LYS A 489 -36.93 7.60 -15.72
C LYS A 489 -37.77 6.35 -15.54
N LEU A 490 -37.90 5.95 -14.27
CA LEU A 490 -38.68 4.78 -13.81
C LEU A 490 -39.75 5.24 -12.86
N THR A 491 -40.96 4.79 -13.11
CA THR A 491 -42.12 5.09 -12.27
C THR A 491 -42.83 3.73 -12.05
N LEU A 492 -42.85 3.29 -10.79
CA LEU A 492 -43.34 1.95 -10.48
C LEU A 492 -44.11 1.90 -9.18
N LYS A 493 -45.05 0.93 -9.09
CA LYS A 493 -45.74 0.59 -7.83
C LYS A 493 -45.69 -0.88 -7.57
N PHE A 494 -45.37 -1.19 -6.33
CA PHE A 494 -45.13 -2.54 -5.85
C PHE A 494 -46.08 -2.84 -4.69
N ILE A 495 -46.55 -4.07 -4.62
CA ILE A 495 -47.44 -4.55 -3.55
C ILE A 495 -46.89 -5.82 -3.05
N CYS A 496 -46.92 -5.97 -1.73
CA CYS A 496 -46.69 -7.30 -1.09
C CYS A 496 -47.98 -8.12 -1.20
N THR A 497 -47.97 -9.18 -2.00
CA THR A 497 -49.18 -9.94 -2.33
C THR A 497 -49.45 -11.03 -1.27
N THR A 498 -48.60 -11.11 -0.26
CA THR A 498 -48.72 -12.13 0.73
C THR A 498 -49.09 -11.53 2.09
N GLY A 499 -49.33 -10.22 2.15
CA GLY A 499 -49.65 -9.51 3.40
C GLY A 499 -48.60 -8.50 3.83
N LYS A 500 -48.10 -8.64 5.05
CA LYS A 500 -47.11 -7.67 5.50
C LYS A 500 -45.74 -8.05 4.98
N LEU A 501 -45.03 -7.06 4.41
CA LEU A 501 -43.64 -7.28 4.04
C LEU A 501 -42.83 -7.45 5.35
N PRO A 502 -42.06 -8.53 5.44
CA PRO A 502 -41.28 -8.82 6.64
C PRO A 502 -39.86 -8.20 6.68
N VAL A 503 -39.53 -7.40 5.65
CA VAL A 503 -38.29 -6.60 5.62
C VAL A 503 -38.70 -5.19 5.21
N PRO A 504 -37.86 -4.18 5.46
CA PRO A 504 -38.27 -2.80 5.06
C PRO A 504 -38.29 -2.64 3.54
N TRP A 505 -39.26 -1.94 3.01
CA TRP A 505 -39.30 -1.77 1.58
C TRP A 505 -37.99 -1.23 0.94
N PRO A 506 -37.34 -0.24 1.56
CA PRO A 506 -36.15 0.36 0.98
C PRO A 506 -35.03 -0.64 0.75
N THR A 507 -35.06 -1.75 1.48
CA THR A 507 -34.05 -2.79 1.32
C THR A 507 -34.25 -3.63 0.06
N LEU A 508 -35.40 -3.51 -0.60
CA LEU A 508 -35.73 -4.24 -1.82
C LEU A 508 -35.64 -3.37 -3.05
N VAL A 509 -35.41 -2.07 -2.89
CA VAL A 509 -35.40 -1.14 -4.05
C VAL A 509 -34.44 -1.65 -5.12
N THR A 510 -33.20 -2.03 -4.71
CA THR A 510 -32.17 -2.34 -5.74
C THR A 510 -32.48 -3.65 -6.45
N THR A 511 -33.12 -4.53 -5.69
CA THR A 511 -33.51 -5.79 -6.24
C THR A 511 -34.70 -5.66 -7.22
N LEU A 512 -35.70 -4.89 -6.82
CA LEU A 512 -36.89 -4.65 -7.66
C LEU A 512 -36.56 -3.77 -8.90
C1 C12 A 513 -33.79 -1.91 -9.85
N2 C12 A 513 -32.97 -0.95 -9.33
CA2 C12 A 513 -31.71 -1.36 -9.56
CG1 C12 A 513 -37.37 -0.45 -9.97
OG1 C12 A 513 -35.54 0.10 -8.56
C2 C12 A 513 -31.80 -2.63 -10.23
O2 C12 A 513 -30.85 -3.37 -10.65
N3 C12 A 513 -33.08 -2.88 -10.44
CA1 C12 A 513 -35.30 -1.91 -9.84
N1 C12 A 513 -35.74 -2.73 -8.70
CB1 C12 A 513 -35.87 -0.49 -9.79
CA3 C12 A 513 -33.58 -4.12 -11.01
C3 C12 A 513 -33.61 -4.18 -12.47
O3 C12 A 513 -33.55 -5.29 -13.00
CB2 C12 A 513 -30.44 -0.69 -9.20
CG2 C12 A 513 -30.22 0.51 -8.35
CD1 C12 A 513 -31.25 1.22 -7.76
CE1 C12 A 513 -30.95 2.25 -6.88
CD2 C12 A 513 -28.90 0.67 -7.92
CE2 C12 A 513 -28.58 1.71 -7.06
CZ C12 A 513 -29.61 2.51 -6.55
OH C12 A 513 -29.32 3.54 -5.72
N VAL A 514 -33.89 -3.01 -13.10
CA VAL A 514 -34.10 -2.90 -14.53
C VAL A 514 -33.24 -1.79 -15.06
N GLN A 515 -31.92 -1.98 -14.94
CA GLN A 515 -30.96 -0.98 -15.33
C GLN A 515 -30.85 -0.80 -16.84
N CYS A 516 -31.59 -1.59 -17.61
CA CYS A 516 -31.79 -1.30 -19.02
C CYS A 516 -32.51 -0.02 -19.24
N PHE A 517 -33.10 0.55 -18.20
CA PHE A 517 -33.77 1.89 -18.36
C PHE A 517 -32.89 3.10 -18.02
N SER A 518 -31.64 2.85 -17.66
CA SER A 518 -30.66 3.93 -17.54
C SER A 518 -30.52 4.73 -18.82
N ARG A 519 -30.28 6.03 -18.64
CA ARG A 519 -30.00 6.91 -19.74
C ARG A 519 -28.47 6.92 -19.93
N TYR A 520 -28.04 6.26 -21.01
CA TYR A 520 -26.66 6.36 -21.51
C TYR A 520 -26.58 7.51 -22.49
N PRO A 521 -25.87 8.60 -22.15
CA PRO A 521 -25.65 9.69 -23.15
C PRO A 521 -25.04 9.21 -24.48
N ASP A 522 -25.15 10.06 -25.51
CA ASP A 522 -24.64 9.76 -26.87
C ASP A 522 -23.21 9.17 -26.96
N HIS A 523 -22.30 9.79 -26.24
CA HIS A 523 -20.90 9.43 -26.30
C HIS A 523 -20.60 8.08 -25.61
N MET A 524 -21.58 7.54 -24.84
CA MET A 524 -21.41 6.31 -24.09
C MET A 524 -22.29 5.13 -24.48
N LYS A 525 -23.04 5.26 -25.57
CA LYS A 525 -23.99 4.21 -26.00
C LYS A 525 -23.33 2.86 -26.16
N GLN A 526 -22.06 2.84 -26.61
CA GLN A 526 -21.32 1.61 -26.78
C GLN A 526 -21.00 0.93 -25.42
N HIS A 527 -21.25 1.61 -24.28
CA HIS A 527 -21.06 0.94 -22.98
C HIS A 527 -22.34 0.36 -22.34
N ASP A 528 -23.47 0.38 -23.06
CA ASP A 528 -24.80 -0.06 -22.51
C ASP A 528 -24.99 -1.56 -22.73
N PHE A 529 -24.45 -2.38 -21.83
CA PHE A 529 -24.65 -3.82 -21.92
C PHE A 529 -26.14 -4.21 -21.87
N PHE A 530 -26.90 -3.46 -21.05
CA PHE A 530 -28.22 -3.86 -20.59
C PHE A 530 -29.21 -3.90 -21.77
N LYS A 531 -29.21 -2.82 -22.55
CA LYS A 531 -30.12 -2.79 -23.65
C LYS A 531 -29.63 -3.77 -24.74
N SER A 532 -28.31 -3.93 -24.85
CA SER A 532 -27.72 -4.73 -25.94
C SER A 532 -28.09 -6.20 -25.79
N ALA A 533 -28.37 -6.64 -24.58
CA ALA A 533 -28.82 -7.99 -24.29
C ALA A 533 -30.26 -8.31 -24.77
N MET A 534 -31.05 -7.27 -25.02
CA MET A 534 -32.49 -7.39 -25.25
C MET A 534 -32.79 -7.67 -26.74
N PRO A 535 -33.95 -8.35 -27.02
CA PRO A 535 -35.08 -8.66 -26.15
C PRO A 535 -34.93 -9.90 -25.28
N GLU A 536 -33.92 -10.71 -25.58
CA GLU A 536 -33.80 -12.01 -24.93
C GLU A 536 -33.37 -11.87 -23.51
N GLY A 537 -32.54 -10.86 -23.28
CA GLY A 537 -32.35 -10.35 -21.95
C GLY A 537 -31.15 -10.91 -21.18
N TYR A 538 -31.20 -10.78 -19.88
CA TYR A 538 -30.02 -11.12 -19.08
C TYR A 538 -30.43 -11.64 -17.72
N ILE A 539 -29.54 -12.40 -17.08
CA ILE A 539 -29.72 -12.82 -15.71
C ILE A 539 -28.91 -11.85 -14.83
N GLN A 540 -29.49 -11.37 -13.74
CA GLN A 540 -28.82 -10.50 -12.82
C GLN A 540 -28.82 -11.14 -11.49
N GLU A 541 -27.62 -11.29 -10.93
CA GLU A 541 -27.41 -11.89 -9.61
C GLU A 541 -26.74 -10.94 -8.68
N ARG A 542 -27.19 -10.92 -7.44
CA ARG A 542 -26.50 -10.14 -6.41
C ARG A 542 -26.34 -10.90 -5.11
N THR A 543 -25.33 -10.47 -4.35
CA THR A 543 -25.35 -10.62 -2.90
C THR A 543 -25.33 -9.24 -2.30
N ILE A 544 -26.20 -9.02 -1.32
CA ILE A 544 -26.30 -7.80 -0.59
C ILE A 544 -26.05 -8.10 0.90
N PHE A 545 -24.93 -7.59 1.44
CA PHE A 545 -24.60 -7.84 2.83
C PHE A 545 -25.02 -6.66 3.61
N PHE A 546 -25.78 -6.89 4.67
CA PHE A 546 -26.22 -5.81 5.55
C PHE A 546 -25.26 -5.80 6.71
N LYS A 547 -24.55 -4.64 6.92
CA LYS A 547 -23.49 -4.50 7.95
C LYS A 547 -24.06 -4.96 9.31
N ASP A 548 -23.32 -5.87 9.96
CA ASP A 548 -23.64 -6.38 11.30
C ASP A 548 -24.98 -7.13 11.27
N ASP A 549 -25.33 -7.79 10.16
CA ASP A 549 -26.63 -8.43 10.05
C ASP A 549 -26.60 -9.42 8.90
N GLY A 550 -27.76 -9.82 8.39
CA GLY A 550 -27.85 -10.88 7.33
C GLY A 550 -27.43 -10.46 5.91
N ASN A 551 -27.59 -11.37 4.94
CA ASN A 551 -27.37 -11.06 3.56
C ASN A 551 -28.50 -11.54 2.63
N TYR A 552 -28.71 -10.79 1.56
CA TYR A 552 -29.62 -11.26 0.53
C TYR A 552 -28.81 -11.86 -0.59
N LYS A 553 -29.32 -12.95 -1.16
CA LYS A 553 -28.81 -13.48 -2.41
C LYS A 553 -29.99 -13.47 -3.39
N THR A 554 -29.80 -12.84 -4.56
CA THR A 554 -30.84 -12.65 -5.55
C THR A 554 -30.44 -13.14 -6.93
N ARG A 555 -31.40 -13.74 -7.66
CA ARG A 555 -31.23 -14.06 -9.06
C ARG A 555 -32.48 -13.62 -9.81
N ALA A 556 -32.31 -12.88 -10.92
CA ALA A 556 -33.39 -12.32 -11.70
C ALA A 556 -33.20 -12.55 -13.18
N GLU A 557 -34.29 -12.86 -13.90
CA GLU A 557 -34.33 -12.79 -15.34
C GLU A 557 -35.02 -11.48 -15.72
N VAL A 558 -34.35 -10.69 -16.56
CA VAL A 558 -34.87 -9.44 -17.05
C VAL A 558 -34.93 -9.56 -18.58
N LYS A 559 -36.14 -9.52 -19.13
CA LYS A 559 -36.34 -9.78 -20.56
C LYS A 559 -37.69 -9.25 -21.06
N PHE A 560 -37.83 -9.08 -22.37
CA PHE A 560 -39.13 -8.77 -22.94
C PHE A 560 -39.95 -10.05 -23.01
N GLU A 561 -41.19 -9.97 -22.51
CA GLU A 561 -42.25 -10.95 -22.84
C GLU A 561 -43.27 -10.18 -23.62
N GLY A 562 -43.34 -10.41 -24.93
CA GLY A 562 -44.08 -9.49 -25.81
C GLY A 562 -43.45 -8.11 -25.77
N ASP A 563 -44.25 -7.10 -25.47
CA ASP A 563 -43.78 -5.72 -25.46
C ASP A 563 -43.57 -5.13 -24.03
N THR A 564 -43.72 -6.01 -23.04
CA THR A 564 -43.49 -5.67 -21.63
C THR A 564 -42.11 -6.16 -21.14
N LEU A 565 -41.41 -5.27 -20.41
CA LEU A 565 -40.13 -5.56 -19.80
C LEU A 565 -40.43 -6.17 -18.43
N VAL A 566 -39.98 -7.40 -18.25
CA VAL A 566 -40.32 -8.16 -17.06
C VAL A 566 -39.07 -8.54 -16.24
N ASN A 567 -39.19 -8.33 -14.96
CA ASN A 567 -38.08 -8.63 -14.05
C ASN A 567 -38.63 -9.70 -13.10
N ARG A 568 -38.18 -10.95 -13.25
CA ARG A 568 -38.67 -11.99 -12.31
C ARG A 568 -37.52 -12.41 -11.43
N ILE A 569 -37.76 -12.38 -10.12
CA ILE A 569 -36.70 -12.38 -9.13
C ILE A 569 -36.98 -13.46 -8.09
N GLU A 570 -35.93 -14.22 -7.73
CA GLU A 570 -35.87 -15.02 -6.48
C GLU A 570 -34.83 -14.43 -5.57
N LEU A 571 -35.23 -14.17 -4.33
CA LEU A 571 -34.42 -13.67 -3.21
C LEU A 571 -34.40 -14.68 -1.99
N LYS A 572 -33.21 -15.01 -1.50
CA LYS A 572 -33.07 -15.73 -0.22
C LYS A 572 -32.30 -14.86 0.78
N GLY A 573 -32.90 -14.63 1.97
CA GLY A 573 -32.25 -13.93 3.07
C GLY A 573 -31.81 -14.89 4.16
N ILE A 574 -30.54 -14.85 4.55
CA ILE A 574 -30.02 -15.77 5.59
C ILE A 574 -29.24 -14.95 6.62
N ASP A 575 -29.21 -15.47 7.85
CA ASP A 575 -28.37 -14.95 8.91
C ASP A 575 -28.85 -13.64 9.51
N PHE A 576 -30.10 -13.24 9.34
CA PHE A 576 -30.51 -11.92 9.90
C PHE A 576 -30.81 -11.98 11.39
N LYS A 577 -30.75 -10.82 12.05
CA LYS A 577 -31.20 -10.71 13.46
C LYS A 577 -32.68 -10.34 13.53
N GLU A 578 -33.50 -11.18 14.17
CA GLU A 578 -34.94 -10.89 14.37
C GLU A 578 -35.17 -9.48 14.99
N ASP A 579 -34.33 -9.05 15.92
CA ASP A 579 -34.43 -7.72 16.56
C ASP A 579 -33.52 -6.69 15.87
N GLY A 580 -32.97 -7.04 14.71
CA GLY A 580 -32.04 -6.15 13.97
C GLY A 580 -32.73 -5.08 13.10
N ASN A 581 -32.00 -4.27 12.34
CA ASN A 581 -32.63 -3.17 11.58
C ASN A 581 -33.54 -3.63 10.50
N ILE A 582 -33.27 -4.80 9.95
CA ILE A 582 -33.99 -5.28 8.80
C ILE A 582 -35.25 -5.96 9.30
N LEU A 583 -35.12 -7.13 9.89
CA LEU A 583 -36.31 -7.88 10.37
C LEU A 583 -37.06 -7.16 11.50
N GLY A 584 -36.43 -6.23 12.18
CA GLY A 584 -37.12 -5.45 13.20
C GLY A 584 -37.72 -4.16 12.65
N HIS A 585 -37.60 -3.94 11.32
CA HIS A 585 -38.24 -2.79 10.66
C HIS A 585 -37.84 -1.45 11.32
N LYS A 586 -36.54 -1.14 11.32
CA LYS A 586 -36.03 0.09 11.94
C LYS A 586 -35.48 1.14 10.91
N LEU A 587 -35.66 0.90 9.61
CA LEU A 587 -35.12 1.79 8.57
C LEU A 587 -36.18 2.80 8.21
N GLU A 588 -35.80 4.06 8.03
CA GLU A 588 -36.76 5.08 7.57
C GLU A 588 -37.28 4.72 6.20
N TYR A 589 -38.54 5.07 5.91
CA TYR A 589 -39.09 4.89 4.60
C TYR A 589 -38.64 6.03 3.68
N ASN A 590 -37.53 5.83 3.00
CA ASN A 590 -37.07 6.73 1.97
C ASN A 590 -35.93 6.06 1.25
N PHE A 591 -35.42 6.71 0.20
CA PHE A 591 -34.22 6.23 -0.48
C PHE A 591 -33.23 7.37 -0.66
N ASN A 592 -32.99 8.11 0.42
CA ASN A 592 -32.06 9.22 0.38
C ASN A 592 -30.64 8.79 0.01
N ASN A 593 -30.27 7.60 0.45
CA ASN A 593 -28.98 7.08 0.12
C ASN A 593 -27.85 8.17 0.17
N PRO A 594 -27.66 8.85 1.33
CA PRO A 594 -26.65 9.87 1.48
C PRO A 594 -25.28 9.31 1.19
N ALA A 595 -24.42 10.13 0.59
CA ALA A 595 -23.05 9.74 0.32
C ALA A 595 -22.30 9.64 1.65
N LYS A 596 -21.29 8.79 1.75
CA LYS A 596 -20.42 8.80 2.91
C LYS A 596 -19.89 10.21 3.28
N ASP A 597 -19.40 10.92 2.28
CA ASP A 597 -19.07 12.32 2.44
C ASP A 597 -19.87 13.11 1.39
N PRO A 598 -20.98 13.69 1.83
CA PRO A 598 -21.81 14.51 0.94
C PRO A 598 -21.01 15.67 0.28
N ARG A 599 -19.91 16.10 0.88
CA ARG A 599 -19.13 17.25 0.31
C ARG A 599 -18.34 16.83 -0.94
N ILE A 600 -17.76 15.64 -0.88
CA ILE A 600 -17.17 15.06 -2.03
C ILE A 600 -18.22 14.76 -3.09
N ALA A 601 -19.37 14.22 -2.70
CA ALA A 601 -20.40 13.97 -3.68
C ALA A 601 -20.81 15.29 -4.44
N ALA A 602 -21.03 16.36 -3.69
CA ALA A 602 -21.34 17.67 -4.23
C ALA A 602 -20.20 18.21 -5.21
N THR A 603 -18.92 18.00 -4.86
CA THR A 603 -17.80 18.27 -5.72
C THR A 603 -17.86 17.58 -7.04
N MET A 604 -18.15 16.27 -7.02
CA MET A 604 -18.29 15.52 -8.27
C MET A 604 -19.58 15.92 -9.01
N GLU A 605 -20.65 16.26 -8.32
CA GLU A 605 -21.86 16.73 -9.00
C GLU A 605 -21.56 18.03 -9.79
N ASN A 606 -20.94 18.97 -9.09
CA ASN A 606 -20.57 20.20 -9.72
C ASN A 606 -19.57 20.01 -10.87
N ALA A 607 -18.57 19.15 -10.67
CA ALA A 607 -17.57 18.85 -11.74
C ALA A 607 -18.24 18.25 -12.97
N GLN A 608 -19.24 17.37 -12.78
CA GLN A 608 -19.87 16.76 -13.96
C GLN A 608 -20.68 17.76 -14.75
N LYS A 609 -21.14 18.83 -14.10
CA LYS A 609 -21.87 19.90 -14.78
C LYS A 609 -20.93 20.96 -15.36
N GLY A 610 -19.64 20.82 -15.06
CA GLY A 610 -18.65 21.83 -15.43
C GLY A 610 -17.87 21.49 -16.67
N GLU A 611 -16.73 22.11 -16.81
CA GLU A 611 -15.91 21.71 -17.92
C GLU A 611 -14.46 21.76 -17.56
N ILE A 612 -13.79 20.74 -18.02
CA ILE A 612 -12.38 20.52 -17.71
C ILE A 612 -11.62 21.75 -18.22
N MET A 613 -10.75 22.32 -17.42
CA MET A 613 -9.85 23.35 -17.94
C MET A 613 -9.02 22.83 -19.11
N PRO A 614 -8.97 23.62 -20.18
CA PRO A 614 -7.95 23.31 -21.17
C PRO A 614 -6.56 23.55 -20.60
N ASN A 615 -5.54 22.93 -21.17
CA ASN A 615 -4.19 23.18 -20.68
C ASN A 615 -3.30 23.92 -21.70
N ILE A 616 -3.90 24.46 -22.78
CA ILE A 616 -3.14 25.04 -23.88
C ILE A 616 -2.37 26.24 -23.36
N PRO A 617 -1.25 26.61 -24.03
CA PRO A 617 -0.47 27.74 -23.46
C PRO A 617 -1.25 29.07 -23.37
N GLN A 618 -2.23 29.24 -24.24
CA GLN A 618 -3.06 30.45 -24.26
C GLN A 618 -3.96 30.62 -23.03
N MET A 619 -4.12 29.56 -22.19
CA MET A 619 -4.79 29.71 -20.92
C MET A 619 -4.23 30.86 -20.09
N SER A 620 -2.94 31.19 -20.11
CA SER A 620 -2.56 32.32 -19.27
C SER A 620 -3.12 33.64 -19.80
N ALA A 621 -3.26 33.80 -21.13
CA ALA A 621 -3.88 35.01 -21.65
C ALA A 621 -5.37 35.04 -21.32
N PHE A 622 -5.97 33.84 -21.29
CA PHE A 622 -7.39 33.70 -20.94
C PHE A 622 -7.62 34.20 -19.52
N TRP A 623 -6.85 33.68 -18.60
CA TRP A 623 -7.05 34.06 -17.22
C TRP A 623 -6.86 35.53 -16.95
N TYR A 624 -5.82 36.11 -17.52
CA TYR A 624 -5.54 37.52 -17.38
C TYR A 624 -6.63 38.39 -17.93
N ALA A 625 -7.12 38.03 -19.12
CA ALA A 625 -8.15 38.76 -19.77
C ALA A 625 -9.45 38.68 -19.04
N VAL A 626 -9.86 37.51 -18.56
CA VAL A 626 -11.13 37.42 -17.80
C VAL A 626 -11.03 38.03 -16.44
N ARG A 627 -9.88 37.88 -15.79
CA ARG A 627 -9.72 38.55 -14.47
C ARG A 627 -9.95 40.04 -14.60
N THR A 628 -9.30 40.64 -15.59
CA THR A 628 -9.43 42.06 -15.82
C THR A 628 -10.85 42.51 -16.17
N ALA A 629 -11.50 41.78 -17.09
CA ALA A 629 -12.86 42.11 -17.46
C ALA A 629 -13.82 42.04 -16.29
N VAL A 630 -13.73 40.98 -15.46
CA VAL A 630 -14.65 40.82 -14.32
C VAL A 630 -14.37 41.92 -13.32
N ILE A 631 -13.09 42.21 -13.04
CA ILE A 631 -12.77 43.20 -12.01
C ILE A 631 -13.27 44.58 -12.47
N ASN A 632 -12.93 44.93 -13.68
CA ASN A 632 -13.42 46.16 -14.27
C ASN A 632 -14.98 46.29 -14.19
N ALA A 633 -15.70 45.34 -14.76
CA ALA A 633 -17.15 45.39 -14.79
C ALA A 633 -17.73 45.55 -13.37
N ALA A 634 -17.25 44.77 -12.42
CA ALA A 634 -17.75 44.81 -11.05
C ALA A 634 -17.58 46.20 -10.47
N SER A 635 -16.46 46.83 -10.84
CA SER A 635 -16.12 48.11 -10.23
C SER A 635 -16.66 49.31 -11.02
N GLY A 636 -17.44 49.06 -12.07
CA GLY A 636 -17.99 50.15 -12.85
C GLY A 636 -17.03 50.77 -13.86
N ARG A 637 -15.89 50.14 -14.13
CA ARG A 637 -15.05 50.54 -15.28
C ARG A 637 -15.49 49.82 -16.57
N GLN A 638 -16.18 50.58 -17.41
CA GLN A 638 -16.79 50.16 -18.65
C GLN A 638 -17.96 49.28 -18.31
N THR A 639 -18.84 49.13 -19.28
CA THR A 639 -19.98 48.25 -19.18
C THR A 639 -19.50 46.77 -19.33
N VAL A 640 -20.36 45.82 -18.99
CA VAL A 640 -20.07 44.43 -19.21
C VAL A 640 -19.74 44.09 -20.66
N ASP A 641 -20.51 44.60 -21.58
CA ASP A 641 -20.21 44.39 -23.02
C ASP A 641 -18.83 44.82 -23.52
N GLU A 642 -18.40 46.03 -23.19
CA GLU A 642 -17.10 46.56 -23.57
C GLU A 642 -15.97 45.74 -22.93
N ASP A 643 -16.16 45.39 -21.65
CA ASP A 643 -15.18 44.65 -20.90
C ASP A 643 -14.97 43.27 -21.46
N LEU A 644 -16.08 42.58 -21.71
CA LEU A 644 -15.98 41.26 -22.33
C LEU A 644 -15.48 41.32 -23.77
N LYS A 645 -15.92 42.31 -24.54
CA LYS A 645 -15.30 42.50 -25.87
C LYS A 645 -13.76 42.73 -25.81
N ASP A 646 -13.29 43.60 -24.92
CA ASP A 646 -11.84 43.80 -24.77
C ASP A 646 -11.17 42.45 -24.43
N ALA A 647 -11.79 41.66 -23.53
CA ALA A 647 -11.22 40.35 -23.16
C ALA A 647 -11.13 39.42 -24.39
N GLN A 648 -12.21 39.29 -25.15
CA GLN A 648 -12.22 38.50 -26.41
C GLN A 648 -11.00 38.85 -27.29
N THR A 649 -10.85 40.14 -27.53
CA THR A 649 -9.86 40.68 -28.46
C THR A 649 -8.48 40.37 -27.92
N ARG A 650 -8.26 40.60 -26.64
CA ARG A 650 -6.97 40.25 -26.05
C ARG A 650 -6.68 38.76 -26.17
N ILE A 651 -7.67 37.91 -25.92
CA ILE A 651 -7.40 36.46 -25.88
C ILE A 651 -7.06 35.92 -27.30
N THR A 652 -7.73 36.40 -28.32
CA THR A 652 -7.63 35.79 -29.62
C THR A 652 -6.54 36.42 -30.45
N LYS A 653 -5.97 37.53 -29.97
CA LYS A 653 -4.87 38.18 -30.70
C LYS A 653 -3.71 37.19 -30.92
N ARG B 33 -19.28 -36.19 -5.39
CA ARG B 33 -20.58 -36.51 -4.73
C ARG B 33 -21.42 -35.26 -4.32
N TRP B 34 -21.04 -34.60 -3.24
CA TRP B 34 -21.87 -33.55 -2.64
C TRP B 34 -21.24 -32.13 -2.64
N GLY B 35 -22.06 -31.12 -2.35
CA GLY B 35 -21.61 -29.73 -2.24
C GLY B 35 -20.59 -29.50 -1.14
N SER B 36 -19.93 -28.34 -1.16
CA SER B 36 -19.13 -27.89 -0.02
C SER B 36 -20.00 -27.57 1.17
N LYS B 37 -19.50 -27.75 2.38
CA LYS B 37 -20.23 -27.26 3.56
C LYS B 37 -19.83 -25.83 3.96
N ILE B 38 -18.85 -25.26 3.27
CA ILE B 38 -18.28 -24.01 3.74
C ILE B 38 -19.22 -22.90 3.25
N GLU B 39 -19.49 -21.93 4.14
CA GLU B 39 -20.45 -20.91 3.89
C GLU B 39 -19.99 -19.86 2.89
N GLU B 40 -20.86 -19.53 1.96
CA GLU B 40 -20.52 -18.59 0.93
C GLU B 40 -20.65 -17.18 1.52
N GLY B 41 -19.80 -16.26 1.10
CA GLY B 41 -19.95 -14.90 1.58
C GLY B 41 -19.31 -14.53 2.93
N LYS B 42 -18.44 -15.41 3.44
CA LYS B 42 -17.74 -15.24 4.72
C LYS B 42 -16.35 -15.81 4.53
N LEU B 43 -15.46 -15.48 5.47
CA LEU B 43 -14.15 -16.16 5.53
C LEU B 43 -13.89 -16.66 6.97
N VAL B 44 -13.61 -17.94 7.06
CA VAL B 44 -13.26 -18.60 8.30
C VAL B 44 -11.75 -18.88 8.14
N ILE B 45 -10.95 -18.44 9.12
CA ILE B 45 -9.50 -18.57 9.00
C ILE B 45 -8.99 -19.38 10.20
N TRP B 46 -8.15 -20.36 9.96
CA TRP B 46 -7.45 -21.10 11.04
C TRP B 46 -6.01 -20.69 11.12
N ILE B 47 -5.54 -20.37 12.34
CA ILE B 47 -4.10 -20.08 12.58
C ILE B 47 -3.71 -20.64 13.94
N ASN B 48 -2.44 -20.97 14.13
CA ASN B 48 -1.96 -21.59 15.35
C ASN B 48 -2.05 -20.63 16.51
N GLY B 49 -2.37 -21.22 17.67
CA GLY B 49 -2.52 -20.51 18.91
C GLY B 49 -1.34 -19.80 19.44
N ASP B 50 -0.14 -20.01 18.90
CA ASP B 50 1.03 -19.25 19.27
C ASP B 50 1.24 -17.98 18.41
N LYS B 51 0.45 -17.80 17.34
CA LYS B 51 0.60 -16.65 16.44
C LYS B 51 -0.33 -15.51 16.82
N GLY B 52 -0.21 -14.40 16.07
CA GLY B 52 -0.96 -13.16 16.38
C GLY B 52 -2.39 -13.18 15.85
N TYR B 53 -3.21 -14.09 16.39
CA TYR B 53 -4.58 -14.24 15.87
C TYR B 53 -5.50 -13.04 16.19
N ASN B 54 -5.26 -12.29 17.25
CA ASN B 54 -6.08 -11.10 17.54
C ASN B 54 -5.71 -9.98 16.58
N GLY B 55 -4.42 -9.91 16.24
CA GLY B 55 -3.97 -8.98 15.25
C GLY B 55 -4.54 -9.32 13.88
N LEU B 56 -4.62 -10.59 13.62
CA LEU B 56 -5.17 -11.03 12.32
C LEU B 56 -6.69 -10.73 12.28
N ALA B 57 -7.38 -10.89 13.40
CA ALA B 57 -8.80 -10.55 13.51
C ALA B 57 -9.02 -9.07 13.23
N GLU B 58 -8.06 -8.23 13.59
CA GLU B 58 -8.14 -6.79 13.29
C GLU B 58 -8.06 -6.55 11.79
N VAL B 59 -7.20 -7.28 11.06
CA VAL B 59 -7.21 -7.18 9.61
C VAL B 59 -8.56 -7.66 9.04
N GLY B 60 -9.11 -8.74 9.62
CA GLY B 60 -10.41 -9.22 9.23
C GLY B 60 -11.50 -8.19 9.40
N LYS B 61 -11.51 -7.52 10.55
CA LYS B 61 -12.46 -6.47 10.82
C LYS B 61 -12.42 -5.34 9.82
N LYS B 62 -11.22 -4.87 9.45
CA LYS B 62 -11.12 -3.89 8.41
C LYS B 62 -11.65 -4.42 7.08
N PHE B 63 -11.33 -5.66 6.76
CA PHE B 63 -11.80 -6.28 5.52
C PHE B 63 -13.35 -6.27 5.53
N GLU B 64 -13.92 -6.62 6.66
CA GLU B 64 -15.39 -6.56 6.84
C GLU B 64 -15.98 -5.13 6.69
N LYS B 65 -15.43 -4.16 7.44
CA LYS B 65 -15.80 -2.74 7.29
C LYS B 65 -15.86 -2.30 5.81
N ASP B 66 -14.85 -2.64 5.00
CA ASP B 66 -14.79 -2.16 3.61
C ASP B 66 -15.65 -2.93 2.64
N THR B 67 -15.98 -4.18 2.97
CA THR B 67 -16.35 -5.16 1.97
C THR B 67 -17.68 -5.88 2.28
N GLY B 68 -18.08 -5.88 3.55
CA GLY B 68 -19.23 -6.62 4.03
C GLY B 68 -18.98 -8.09 4.34
N ILE B 69 -17.79 -8.59 4.03
CA ILE B 69 -17.44 -10.01 4.26
C ILE B 69 -16.99 -10.20 5.69
N LYS B 70 -17.80 -10.88 6.48
CA LYS B 70 -17.39 -11.17 7.89
C LYS B 70 -16.21 -12.19 7.89
N VAL B 71 -15.22 -11.96 8.76
CA VAL B 71 -14.04 -12.82 8.84
C VAL B 71 -13.97 -13.38 10.23
N THR B 72 -13.90 -14.72 10.38
CA THR B 72 -13.75 -15.35 11.66
C THR B 72 -12.39 -16.06 11.73
N VAL B 73 -11.60 -15.63 12.70
CA VAL B 73 -10.31 -16.20 12.92
C VAL B 73 -10.42 -17.11 14.11
N GLU B 74 -9.98 -18.33 13.90
CA GLU B 74 -10.00 -19.32 14.95
C GLU B 74 -8.60 -19.98 15.13
N HIS B 75 -8.37 -20.60 16.29
CA HIS B 75 -7.08 -21.24 16.52
C HIS B 75 -7.32 -22.58 17.20
N PRO B 76 -7.88 -23.54 16.45
CA PRO B 76 -8.14 -24.83 17.08
C PRO B 76 -6.84 -25.56 17.43
N ASP B 77 -6.95 -26.43 18.43
CA ASP B 77 -5.93 -27.40 18.79
C ASP B 77 -5.61 -28.35 17.65
N LYS B 78 -4.33 -28.63 17.41
CA LYS B 78 -3.88 -29.60 16.45
C LYS B 78 -4.45 -29.29 15.06
N LEU B 79 -4.45 -28.03 14.62
CA LEU B 79 -5.24 -27.63 13.43
C LEU B 79 -4.62 -28.24 12.16
N GLU B 80 -3.35 -28.50 12.23
CA GLU B 80 -2.63 -29.07 11.09
C GLU B 80 -2.95 -30.54 10.81
N GLU B 81 -3.40 -31.24 11.85
CA GLU B 81 -3.96 -32.63 11.76
C GLU B 81 -5.49 -32.57 11.47
N LYS B 82 -6.21 -31.61 12.07
CA LYS B 82 -7.64 -31.45 11.75
C LYS B 82 -7.96 -31.07 10.33
N PHE B 83 -7.18 -30.18 9.74
CA PHE B 83 -7.49 -29.62 8.40
C PHE B 83 -7.69 -30.71 7.34
N PRO B 84 -6.76 -31.64 7.19
CA PRO B 84 -6.91 -32.61 6.11
C PRO B 84 -8.12 -33.51 6.28
N GLN B 85 -8.48 -33.82 7.51
CA GLN B 85 -9.68 -34.58 7.86
C GLN B 85 -10.96 -33.80 7.53
N VAL B 86 -11.11 -32.58 8.05
CA VAL B 86 -12.31 -31.80 7.75
C VAL B 86 -12.34 -31.34 6.28
N ALA B 87 -11.19 -30.98 5.71
CA ALA B 87 -11.17 -30.54 4.29
C ALA B 87 -11.57 -31.61 3.29
N ALA B 88 -11.23 -32.84 3.56
CA ALA B 88 -11.66 -33.95 2.69
C ALA B 88 -13.19 -34.08 2.58
N THR B 89 -13.94 -33.72 3.60
CA THR B 89 -15.41 -33.74 3.50
C THR B 89 -15.95 -32.47 2.84
N GLY B 90 -15.09 -31.62 2.30
CA GLY B 90 -15.51 -30.33 1.75
C GLY B 90 -15.91 -29.29 2.78
N ASP B 91 -15.19 -29.25 3.88
CA ASP B 91 -15.57 -28.46 5.03
C ASP B 91 -14.27 -27.79 5.56
N GLY B 92 -14.34 -27.14 6.71
CA GLY B 92 -13.18 -26.52 7.30
C GLY B 92 -13.09 -25.04 7.02
N PRO B 93 -11.88 -24.49 7.16
CA PRO B 93 -11.79 -23.05 6.95
C PRO B 93 -11.57 -22.71 5.51
N ASP B 94 -11.86 -21.45 5.15
CA ASP B 94 -11.53 -20.95 3.83
C ASP B 94 -10.02 -20.82 3.67
N ILE B 95 -9.37 -20.36 4.73
CA ILE B 95 -7.95 -20.06 4.69
C ILE B 95 -7.26 -20.77 5.88
N ILE B 96 -6.18 -21.52 5.58
CA ILE B 96 -5.35 -22.15 6.60
C ILE B 96 -3.93 -21.59 6.68
N PHE B 97 -3.52 -21.17 7.89
CA PHE B 97 -2.17 -20.71 8.12
C PHE B 97 -1.38 -21.80 8.83
N TRP B 98 -0.17 -22.07 8.29
CA TRP B 98 0.79 -22.96 8.96
C TRP B 98 2.12 -22.76 8.24
N ALA B 99 3.24 -23.25 8.82
CA ALA B 99 4.51 -23.32 8.13
C ALA B 99 4.33 -24.11 6.86
N HIS B 100 5.17 -23.85 5.89
CA HIS B 100 4.99 -24.39 4.55
C HIS B 100 5.24 -25.92 4.46
N ASP B 101 5.89 -26.51 5.47
CA ASP B 101 6.20 -27.93 5.39
C ASP B 101 4.98 -28.85 5.20
N ARG B 102 3.86 -28.51 5.86
CA ARG B 102 2.65 -29.38 5.78
C ARG B 102 1.89 -29.28 4.46
N PHE B 103 2.16 -28.22 3.69
CA PHE B 103 1.27 -27.81 2.59
C PHE B 103 1.40 -28.66 1.35
N GLY B 104 2.58 -29.26 1.15
CA GLY B 104 2.76 -30.20 0.04
C GLY B 104 1.89 -31.44 0.16
N GLY B 105 1.81 -31.97 1.38
CA GLY B 105 0.99 -33.11 1.69
C GLY B 105 -0.47 -32.75 1.52
N TYR B 106 -0.88 -31.55 1.97
CA TYR B 106 -2.25 -31.06 1.65
C TYR B 106 -2.53 -30.95 0.14
N ALA B 107 -1.58 -30.34 -0.60
CA ALA B 107 -1.80 -30.10 -2.03
C ALA B 107 -1.92 -31.43 -2.78
N GLN B 108 -1.10 -32.39 -2.37
CA GLN B 108 -1.10 -33.73 -2.94
C GLN B 108 -2.47 -34.42 -2.82
N SER B 109 -3.19 -34.16 -1.75
CA SER B 109 -4.47 -34.77 -1.52
C SER B 109 -5.57 -33.91 -2.07
N GLY B 110 -5.22 -32.88 -2.87
CA GLY B 110 -6.21 -32.06 -3.58
C GLY B 110 -6.97 -31.11 -2.66
N LEU B 111 -6.39 -30.79 -1.49
CA LEU B 111 -7.08 -29.95 -0.53
C LEU B 111 -6.84 -28.47 -0.69
N LEU B 112 -5.94 -28.04 -1.57
CA LEU B 112 -5.62 -26.58 -1.61
C LEU B 112 -5.91 -26.08 -2.99
N ALA B 113 -6.31 -24.84 -3.11
CA ALA B 113 -6.49 -24.20 -4.44
C ALA B 113 -5.15 -23.67 -4.89
N GLU B 114 -4.89 -23.69 -6.19
CA GLU B 114 -3.73 -23.04 -6.77
C GLU B 114 -3.97 -21.56 -6.67
N ILE B 115 -3.04 -20.84 -6.08
CA ILE B 115 -3.21 -19.39 -5.98
C ILE B 115 -2.73 -18.72 -7.29
N THR B 116 -3.25 -17.52 -7.56
CA THR B 116 -3.05 -16.84 -8.86
C THR B 116 -2.64 -15.37 -8.70
N PRO B 117 -1.56 -15.11 -7.98
CA PRO B 117 -1.10 -13.72 -7.94
C PRO B 117 -0.44 -13.37 -9.25
N ASP B 118 -0.56 -12.14 -9.71
CA ASP B 118 0.11 -11.77 -10.96
C ASP B 118 1.59 -11.50 -10.68
N LYS B 119 2.34 -11.25 -11.74
CA LYS B 119 3.78 -11.09 -11.66
C LYS B 119 4.10 -9.90 -10.75
N ALA B 120 3.27 -8.88 -10.83
CA ALA B 120 3.48 -7.67 -10.06
C ALA B 120 3.26 -7.83 -8.55
N PHE B 121 2.32 -8.69 -8.14
CA PHE B 121 2.20 -9.03 -6.71
C PHE B 121 3.35 -9.95 -6.29
N GLN B 122 3.76 -10.88 -7.14
CA GLN B 122 4.89 -11.76 -6.82
C GLN B 122 6.16 -11.02 -6.56
N ASP B 123 6.47 -9.99 -7.38
CA ASP B 123 7.69 -9.19 -7.19
C ASP B 123 7.69 -8.45 -5.83
N LYS B 124 6.53 -8.35 -5.18
CA LYS B 124 6.44 -7.70 -3.86
C LYS B 124 6.92 -8.58 -2.72
N LEU B 125 7.11 -9.86 -2.97
CA LEU B 125 7.64 -10.74 -1.93
C LEU B 125 8.99 -11.30 -2.35
N TYR B 126 9.80 -11.79 -1.44
CA TYR B 126 11.07 -12.39 -1.80
C TYR B 126 10.94 -13.73 -2.52
N PRO B 127 11.73 -13.91 -3.58
CA PRO B 127 11.59 -15.10 -4.43
C PRO B 127 11.80 -16.40 -3.65
N PHE B 128 12.71 -16.42 -2.69
CA PHE B 128 12.88 -17.64 -1.93
C PHE B 128 11.61 -17.98 -1.10
N THR B 129 10.76 -17.01 -0.81
CA THR B 129 9.56 -17.38 -0.03
C THR B 129 8.54 -18.05 -0.95
N TRP B 130 8.51 -17.66 -2.24
CA TRP B 130 7.63 -18.31 -3.20
C TRP B 130 8.10 -19.72 -3.49
N ASP B 131 9.42 -19.92 -3.45
CA ASP B 131 10.01 -21.26 -3.63
C ASP B 131 9.44 -22.22 -2.59
N ALA B 132 9.30 -21.75 -1.37
CA ALA B 132 8.82 -22.57 -0.27
C ALA B 132 7.40 -23.02 -0.43
N VAL B 133 6.55 -22.26 -1.15
CA VAL B 133 5.14 -22.64 -1.35
C VAL B 133 4.74 -23.10 -2.78
N ARG B 134 5.73 -23.54 -3.56
CA ARG B 134 5.55 -24.12 -4.84
C ARG B 134 5.60 -25.67 -4.70
N TYR B 135 4.64 -26.34 -5.31
CA TYR B 135 4.54 -27.81 -5.22
C TYR B 135 4.15 -28.36 -6.59
N ASN B 136 4.99 -29.23 -7.16
CA ASN B 136 4.95 -29.63 -8.56
C ASN B 136 4.60 -28.48 -9.49
N GLY B 137 5.41 -27.43 -9.43
CA GLY B 137 5.28 -26.28 -10.33
C GLY B 137 4.12 -25.31 -10.13
N LYS B 138 3.27 -25.52 -9.11
CA LYS B 138 2.19 -24.59 -8.80
C LYS B 138 2.37 -23.97 -7.43
N LEU B 139 1.86 -22.76 -7.26
CA LEU B 139 1.89 -22.03 -6.00
C LEU B 139 0.64 -22.44 -5.23
N ILE B 140 0.80 -22.91 -4.00
CA ILE B 140 -0.29 -23.44 -3.23
C ILE B 140 -0.54 -22.67 -1.93
N ALA B 141 0.14 -21.54 -1.71
CA ALA B 141 -0.05 -20.70 -0.50
C ALA B 141 0.55 -19.33 -0.67
N TYR B 142 0.10 -18.36 0.12
CA TYR B 142 0.82 -17.07 0.19
C TYR B 142 1.81 -17.06 1.36
N PRO B 143 3.09 -16.76 1.11
CA PRO B 143 4.10 -16.69 2.18
C PRO B 143 3.83 -15.49 2.98
N ILE B 144 3.96 -15.59 4.32
CA ILE B 144 3.77 -14.48 5.21
C ILE B 144 5.07 -14.04 5.91
N ALA B 145 5.79 -15.00 6.49
CA ALA B 145 6.92 -14.69 7.30
C ALA B 145 7.89 -15.84 7.35
N VAL B 146 9.14 -15.52 7.61
CA VAL B 146 10.18 -16.53 7.54
C VAL B 146 10.60 -16.73 9.00
N GLU B 147 10.43 -17.94 9.51
CA GLU B 147 10.67 -18.28 10.92
C GLU B 147 11.93 -19.18 11.12
N ALA B 148 12.70 -18.88 12.18
CA ALA B 148 13.82 -19.71 12.63
C ALA B 148 13.89 -19.52 14.13
N LEU B 149 14.25 -20.57 14.83
CA LEU B 149 14.41 -20.47 16.27
C LEU B 149 15.70 -19.74 16.58
N SER B 150 15.75 -19.04 17.71
CA SER B 150 16.97 -18.43 18.23
C SER B 150 17.15 -18.75 19.71
N LEU B 151 18.35 -18.47 20.18
CA LEU B 151 18.62 -18.57 21.59
C LEU B 151 18.13 -17.25 22.22
N ILE B 152 17.26 -17.33 23.24
CA ILE B 152 16.78 -16.20 24.00
C ILE B 152 17.42 -16.27 25.37
N TYR B 153 17.98 -15.16 25.85
CA TYR B 153 18.74 -15.22 27.10
C TYR B 153 18.42 -14.03 27.96
N ASN B 154 18.53 -14.29 29.25
CA ASN B 154 18.22 -13.29 30.26
C ASN B 154 19.52 -12.59 30.59
N LYS B 155 19.62 -11.33 30.17
CA LYS B 155 20.81 -10.51 30.34
C LYS B 155 21.28 -10.26 31.77
N ASP B 156 20.37 -10.10 32.70
CA ASP B 156 20.69 -9.90 34.07
C ASP B 156 21.27 -11.17 34.68
N LEU B 157 20.80 -12.36 34.27
CA LEU B 157 21.37 -13.60 34.78
C LEU B 157 22.60 -13.98 33.99
N LEU B 158 22.67 -13.64 32.72
CA LEU B 158 23.70 -14.22 31.83
C LEU B 158 24.14 -13.19 30.80
N PRO B 159 24.91 -12.19 31.26
CA PRO B 159 25.24 -11.07 30.42
C PRO B 159 25.92 -11.50 29.12
N ASN B 160 26.71 -12.58 29.13
CA ASN B 160 27.33 -13.12 27.91
C ASN B 160 26.85 -14.53 27.66
N PRO B 161 25.90 -14.73 26.71
CA PRO B 161 25.36 -16.06 26.53
C PRO B 161 26.39 -17.00 25.92
N PRO B 162 26.28 -18.31 26.18
CA PRO B 162 27.28 -19.23 25.70
C PRO B 162 27.30 -19.38 24.20
N LYS B 163 28.50 -19.52 23.66
CA LYS B 163 28.67 -19.76 22.23
C LYS B 163 28.52 -21.24 21.82
N THR B 164 28.69 -22.15 22.76
CA THR B 164 28.69 -23.58 22.49
C THR B 164 27.69 -24.33 23.40
N TRP B 165 27.13 -25.43 22.89
CA TRP B 165 26.30 -26.30 23.73
C TRP B 165 27.15 -26.90 24.85
N GLU B 166 28.40 -27.25 24.53
CA GLU B 166 29.29 -27.92 25.50
C GLU B 166 29.52 -27.14 26.77
N GLU B 167 29.47 -25.80 26.77
CA GLU B 167 29.62 -25.07 28.03
C GLU B 167 28.31 -24.91 28.85
N ILE B 168 27.17 -25.35 28.33
CA ILE B 168 25.89 -25.21 29.09
C ILE B 168 25.81 -26.00 30.46
N PRO B 169 26.31 -27.25 30.52
CA PRO B 169 26.38 -27.99 31.80
C PRO B 169 27.05 -27.23 32.96
N ALA B 170 28.24 -26.66 32.72
CA ALA B 170 28.96 -25.94 33.80
C ALA B 170 28.18 -24.67 34.19
N LEU B 171 27.54 -24.03 33.21
CA LEU B 171 26.68 -22.84 33.40
C LEU B 171 25.51 -23.21 34.30
N ASP B 172 24.90 -24.35 34.00
CA ASP B 172 23.75 -24.80 34.78
C ASP B 172 24.16 -25.09 36.23
N LYS B 173 25.30 -25.74 36.42
CA LYS B 173 25.68 -26.05 37.78
C LYS B 173 25.84 -24.73 38.56
N GLU B 174 26.44 -23.72 37.94
CA GLU B 174 26.60 -22.43 38.61
C GLU B 174 25.27 -21.70 38.88
N LEU B 175 24.33 -21.72 37.93
CA LEU B 175 23.06 -21.07 38.18
C LEU B 175 22.19 -21.89 39.16
N LYS B 176 22.39 -23.20 39.20
CA LYS B 176 21.58 -24.05 40.10
C LYS B 176 21.94 -23.70 41.56
N ALA B 177 23.18 -23.30 41.81
CA ALA B 177 23.61 -22.87 43.15
C ALA B 177 22.94 -21.54 43.56
N LYS B 178 22.34 -20.84 42.61
CA LYS B 178 21.60 -19.61 42.90
C LYS B 178 20.09 -19.79 42.76
N GLY B 179 19.65 -21.05 42.67
CA GLY B 179 18.21 -21.37 42.52
C GLY B 179 17.61 -21.06 41.14
N LYS B 180 18.45 -21.10 40.09
CA LYS B 180 18.07 -20.90 38.69
C LYS B 180 18.56 -22.08 37.85
N SER B 181 18.17 -22.17 36.60
CA SER B 181 18.70 -23.18 35.68
C SER B 181 19.26 -22.45 34.44
N ALA B 182 20.08 -23.11 33.65
CA ALA B 182 20.65 -22.49 32.51
C ALA B 182 19.70 -22.43 31.31
N LEU B 183 19.00 -23.51 31.02
CA LEU B 183 18.25 -23.60 29.80
C LEU B 183 17.02 -24.44 29.94
N MET B 184 15.87 -23.89 29.50
CA MET B 184 14.66 -24.67 29.37
C MET B 184 13.99 -24.36 28.03
N PHE B 185 13.58 -25.40 27.33
CA PHE B 185 12.91 -25.25 26.08
C PHE B 185 12.05 -26.45 25.82
N ASN B 186 11.03 -26.30 24.98
CA ASN B 186 10.12 -27.39 24.61
C ASN B 186 10.81 -28.66 24.07
N LEU B 187 10.87 -29.71 24.88
CA LEU B 187 11.41 -30.99 24.42
C LEU B 187 10.38 -31.94 23.83
N GLN B 188 9.12 -31.52 23.77
CA GLN B 188 8.07 -32.40 23.27
C GLN B 188 7.85 -32.31 21.78
N GLU B 189 8.34 -31.22 21.17
CA GLU B 189 8.21 -31.02 19.72
C GLU B 189 9.61 -31.07 19.12
N PRO B 190 9.81 -31.93 18.13
CA PRO B 190 11.12 -32.08 17.50
C PRO B 190 11.63 -30.83 16.79
N TYR B 191 10.75 -29.94 16.40
CA TYR B 191 11.15 -28.64 15.95
C TYR B 191 12.25 -27.98 16.81
N PHE B 192 12.14 -28.13 18.13
CA PHE B 192 12.97 -27.38 19.07
C PHE B 192 14.32 -28.06 19.32
N THR B 193 14.33 -29.36 19.18
CA THR B 193 15.60 -30.16 19.33
C THR B 193 16.35 -30.46 18.05
N TRP B 194 15.68 -30.32 16.91
CA TRP B 194 16.31 -30.49 15.60
C TRP B 194 17.55 -29.66 15.22
N PRO B 195 17.64 -28.40 15.66
CA PRO B 195 18.86 -27.66 15.37
C PRO B 195 20.14 -28.28 15.93
N LEU B 196 20.02 -28.84 17.11
CA LEU B 196 21.08 -29.59 17.77
C LEU B 196 21.37 -30.96 17.04
N ILE B 197 20.30 -31.72 16.80
CA ILE B 197 20.42 -33.00 16.09
C ILE B 197 21.08 -32.78 14.77
N ALA B 198 20.63 -31.79 14.01
CA ALA B 198 21.19 -31.54 12.67
C ALA B 198 22.59 -30.90 12.70
N ALA B 199 23.04 -30.30 13.82
CA ALA B 199 24.30 -29.48 13.82
C ALA B 199 25.52 -30.23 13.30
N ASP B 200 25.74 -31.43 13.84
CA ASP B 200 26.91 -32.24 13.48
C ASP B 200 26.62 -33.16 12.31
N GLY B 201 25.46 -33.06 11.69
CA GLY B 201 25.27 -33.81 10.48
C GLY B 201 23.94 -34.45 10.20
N GLY B 202 23.02 -34.49 11.19
CA GLY B 202 21.63 -34.90 10.90
C GLY B 202 20.98 -34.16 9.73
N TYR B 203 20.05 -34.84 9.06
CA TYR B 203 19.23 -34.24 8.00
C TYR B 203 17.93 -35.04 7.84
N ALA B 204 16.87 -34.38 7.37
CA ALA B 204 15.59 -35.02 7.12
C ALA B 204 15.68 -35.92 5.87
N PHE B 205 15.58 -35.32 4.68
CA PHE B 205 15.73 -36.00 3.38
C PHE B 205 16.85 -35.38 2.53
N LYS B 206 17.76 -36.21 2.00
CA LYS B 206 18.85 -35.71 1.19
C LYS B 206 18.28 -35.04 -0.07
N TYR B 207 18.83 -33.88 -0.40
CA TYR B 207 18.45 -33.11 -1.58
C TYR B 207 19.50 -33.29 -2.70
N GLU B 208 19.12 -34.07 -3.71
CA GLU B 208 20.00 -34.47 -4.84
C GLU B 208 19.50 -33.74 -6.10
N ASN B 209 20.41 -32.98 -6.72
CA ASN B 209 20.13 -32.04 -7.83
C ASN B 209 18.64 -31.75 -8.13
N GLY B 210 18.14 -30.68 -7.51
CA GLY B 210 16.79 -30.21 -7.80
C GLY B 210 15.61 -30.99 -7.25
N LYS B 211 15.80 -31.99 -6.38
CA LYS B 211 14.68 -32.58 -5.61
C LYS B 211 15.10 -33.55 -4.48
N TYR B 212 14.11 -33.98 -3.67
CA TYR B 212 14.38 -34.82 -2.48
C TYR B 212 14.23 -36.34 -2.69
N ASP B 213 15.23 -37.07 -2.25
CA ASP B 213 15.22 -38.54 -2.20
C ASP B 213 14.48 -39.03 -0.95
N ILE B 214 13.25 -39.51 -1.11
CA ILE B 214 12.42 -39.94 0.03
C ILE B 214 12.96 -41.14 0.83
N LYS B 215 13.95 -41.87 0.30
CA LYS B 215 14.53 -43.06 0.98
C LYS B 215 15.92 -42.82 1.57
N ASP B 216 16.56 -41.71 1.21
CA ASP B 216 17.83 -41.29 1.83
C ASP B 216 17.52 -40.32 2.97
N VAL B 217 17.32 -40.85 4.17
CA VAL B 217 16.94 -40.07 5.32
C VAL B 217 18.10 -40.04 6.28
N GLY B 218 18.30 -38.89 6.94
CA GLY B 218 19.49 -38.64 7.80
C GLY B 218 19.25 -38.60 9.31
N VAL B 219 18.24 -39.30 9.79
CA VAL B 219 17.92 -39.23 11.21
C VAL B 219 18.75 -40.18 12.05
N ASP B 220 19.45 -41.12 11.39
CA ASP B 220 20.20 -42.18 12.06
C ASP B 220 21.68 -42.24 11.69
N ASN B 221 22.26 -41.14 11.24
CA ASN B 221 23.70 -41.04 11.01
C ASN B 221 24.45 -40.53 12.26
N ALA B 222 25.78 -40.45 12.17
CA ALA B 222 26.63 -40.13 13.34
C ALA B 222 26.32 -38.75 13.94
N GLY B 223 26.09 -37.77 13.10
CA GLY B 223 25.73 -36.44 13.58
C GLY B 223 24.41 -36.43 14.33
N ALA B 224 23.41 -37.10 13.80
CA ALA B 224 22.09 -37.15 14.53
C ALA B 224 22.33 -37.77 15.90
N LYS B 225 23.10 -38.85 15.95
CA LYS B 225 23.24 -39.60 17.19
C LYS B 225 23.97 -38.76 18.21
N ALA B 226 24.96 -38.04 17.71
CA ALA B 226 25.81 -37.25 18.54
C ALA B 226 24.93 -36.15 19.16
N GLY B 227 24.10 -35.47 18.37
CA GLY B 227 23.25 -34.37 18.95
C GLY B 227 22.25 -34.85 19.99
N LEU B 228 21.55 -35.93 19.68
CA LEU B 228 20.54 -36.43 20.59
C LEU B 228 21.15 -37.00 21.84
N THR B 229 22.34 -37.61 21.70
CA THR B 229 23.07 -38.05 22.83
C THR B 229 23.42 -36.91 23.75
N PHE B 230 23.87 -35.79 23.19
CA PHE B 230 24.18 -34.63 24.03
C PHE B 230 22.90 -34.21 24.83
N LEU B 231 21.75 -34.25 24.15
CA LEU B 231 20.49 -33.80 24.77
C LEU B 231 20.19 -34.77 25.89
N VAL B 232 20.28 -36.05 25.58
CA VAL B 232 20.01 -37.11 26.59
C VAL B 232 20.98 -36.99 27.79
N ASP B 233 22.25 -36.67 27.52
CA ASP B 233 23.23 -36.51 28.60
C ASP B 233 22.83 -35.32 29.43
N LEU B 234 22.29 -34.28 28.78
CA LEU B 234 21.82 -33.11 29.61
C LEU B 234 20.78 -33.58 30.61
N ILE B 235 19.87 -34.42 30.15
CA ILE B 235 18.80 -34.93 30.99
C ILE B 235 19.32 -35.87 32.10
N LYS B 236 20.20 -36.82 31.73
CA LYS B 236 20.79 -37.72 32.73
C LYS B 236 21.56 -36.90 33.76
N ASN B 237 22.20 -35.78 33.40
CA ASN B 237 22.96 -35.03 34.42
C ASN B 237 22.12 -33.94 35.12
N LYS B 238 20.82 -33.99 34.93
CA LYS B 238 19.86 -33.13 35.59
C LYS B 238 20.02 -31.63 35.24
N HIS B 239 20.46 -31.37 34.03
CA HIS B 239 20.48 -30.01 33.52
C HIS B 239 19.21 -29.60 32.76
N MET B 240 18.45 -30.59 32.26
CA MET B 240 17.09 -30.43 31.74
C MET B 240 16.20 -31.57 32.22
N ASN B 241 14.91 -31.33 32.15
CA ASN B 241 13.90 -32.30 32.57
CA ASN B 241 13.92 -32.29 32.58
C ASN B 241 13.21 -32.81 31.32
N ALA B 242 13.09 -34.13 31.18
CA ALA B 242 12.46 -34.71 29.97
C ALA B 242 11.00 -34.27 29.74
N ASP B 243 10.31 -33.84 30.79
CA ASP B 243 8.90 -33.44 30.65
CA ASP B 243 8.90 -33.43 30.67
C ASP B 243 8.70 -31.94 30.31
N THR B 244 9.77 -31.21 30.10
CA THR B 244 9.60 -29.76 29.83
C THR B 244 8.88 -29.58 28.51
N ASP B 245 7.83 -28.77 28.50
CA ASP B 245 7.08 -28.53 27.25
C ASP B 245 7.05 -27.02 26.96
N TYR B 246 6.22 -26.60 26.01
CA TYR B 246 6.15 -25.18 25.66
C TYR B 246 5.81 -24.25 26.83
N SER B 247 4.72 -24.56 27.51
CA SER B 247 4.21 -23.77 28.61
C SER B 247 5.17 -23.65 29.72
N ILE B 248 5.71 -24.79 30.13
CA ILE B 248 6.60 -24.84 31.26
C ILE B 248 7.84 -24.01 30.93
N ALA B 249 8.41 -24.19 29.74
CA ALA B 249 9.63 -23.42 29.39
C ALA B 249 9.33 -21.93 29.27
N GLU B 250 8.22 -21.59 28.61
CA GLU B 250 7.83 -20.18 28.53
C GLU B 250 7.68 -19.51 29.92
N ALA B 251 6.91 -20.13 30.84
CA ALA B 251 6.73 -19.54 32.15
C ALA B 251 8.06 -19.40 32.87
N ALA B 252 8.92 -20.41 32.76
CA ALA B 252 10.20 -20.40 33.41
C ALA B 252 11.02 -19.21 33.00
N PHE B 253 11.18 -19.02 31.71
CA PHE B 253 11.94 -17.87 31.27
C PHE B 253 11.29 -16.52 31.59
N ASN B 254 9.98 -16.41 31.34
CA ASN B 254 9.27 -15.17 31.57
C ASN B 254 9.20 -14.80 33.07
N LYS B 255 9.37 -15.79 33.96
CA LYS B 255 9.45 -15.53 35.42
C LYS B 255 10.88 -15.29 35.95
N GLY B 256 11.89 -15.30 35.08
CA GLY B 256 13.28 -15.11 35.55
C GLY B 256 13.92 -16.35 36.21
N GLU B 257 13.37 -17.54 35.98
CA GLU B 257 13.86 -18.73 36.68
C GLU B 257 14.88 -19.51 35.89
N THR B 258 14.89 -19.32 34.57
CA THR B 258 15.89 -19.96 33.69
C THR B 258 16.59 -18.87 32.87
N ALA B 259 17.88 -19.03 32.65
CA ALA B 259 18.68 -17.99 31.99
C ALA B 259 18.49 -17.94 30.47
N MET B 260 18.03 -19.05 29.87
CA MET B 260 17.95 -19.21 28.43
C MET B 260 16.75 -20.08 28.05
N THR B 261 16.26 -19.83 26.84
CA THR B 261 15.26 -20.64 26.17
C THR B 261 15.56 -20.60 24.67
N ILE B 262 14.89 -21.50 23.93
CA ILE B 262 14.98 -21.59 22.55
C ILE B 262 13.56 -21.42 22.03
N ASN B 263 13.35 -20.36 21.25
CA ASN B 263 12.02 -20.07 20.77
C ASN B 263 12.06 -19.20 19.54
N GLY B 264 10.88 -19.03 18.94
CA GLY B 264 10.71 -18.22 17.75
C GLY B 264 10.20 -16.80 18.00
N PRO B 265 10.12 -16.00 16.91
CA PRO B 265 9.69 -14.62 17.05
C PRO B 265 8.33 -14.42 17.73
N TRP B 266 7.43 -15.38 17.59
CA TRP B 266 6.12 -15.27 18.15
C TRP B 266 6.19 -15.12 19.68
N ALA B 267 7.26 -15.53 20.32
CA ALA B 267 7.35 -15.55 21.79
C ALA B 267 7.79 -14.21 22.40
N TRP B 268 8.34 -13.33 21.57
CA TRP B 268 8.94 -12.10 22.07
C TRP B 268 7.92 -11.24 22.80
N SER B 269 6.69 -11.24 22.34
CA SER B 269 5.64 -10.39 23.01
C SER B 269 5.46 -10.65 24.45
N ASN B 270 5.31 -11.91 24.77
CA ASN B 270 5.14 -12.29 26.14
C ASN B 270 6.35 -11.96 26.99
N ILE B 271 7.55 -12.05 26.42
CA ILE B 271 8.75 -11.70 27.13
C ILE B 271 8.77 -10.16 27.40
N ASP B 272 8.47 -9.36 26.42
CA ASP B 272 8.25 -7.92 26.64
C ASP B 272 7.33 -7.63 27.84
N THR B 273 6.18 -8.31 27.89
CA THR B 273 5.21 -8.08 28.97
C THR B 273 5.81 -8.48 30.33
N SER B 274 6.71 -9.49 30.33
CA SER B 274 7.28 -9.98 31.55
C SER B 274 8.27 -9.01 32.18
N LYS B 275 8.82 -8.07 31.42
CA LYS B 275 9.86 -7.12 31.85
C LYS B 275 11.24 -7.75 32.08
N VAL B 276 11.41 -9.00 31.70
CA VAL B 276 12.74 -9.56 31.76
C VAL B 276 13.64 -8.87 30.72
N ASN B 277 14.85 -8.52 31.13
CA ASN B 277 15.84 -7.91 30.27
C ASN B 277 16.45 -9.01 29.39
N TYR B 278 15.98 -9.13 28.16
CA TYR B 278 16.41 -10.26 27.30
C TYR B 278 17.14 -9.86 26.04
N GLY B 279 17.87 -10.84 25.48
CA GLY B 279 18.48 -10.75 24.19
C GLY B 279 18.11 -11.97 23.39
N VAL B 280 18.27 -11.83 22.08
CA VAL B 280 18.03 -12.89 21.16
C VAL B 280 19.27 -12.98 20.35
N THR B 281 19.80 -14.18 20.18
CA THR B 281 21.12 -14.33 19.55
C THR B 281 21.25 -15.62 18.79
N VAL B 282 22.43 -15.79 18.21
CA VAL B 282 22.75 -17.00 17.47
C VAL B 282 22.66 -18.23 18.39
N LEU B 283 22.20 -19.35 17.82
CA LEU B 283 22.10 -20.59 18.61
C LEU B 283 23.58 -21.02 18.92
N PRO B 284 23.82 -21.68 20.05
CA PRO B 284 25.15 -22.22 20.35
C PRO B 284 25.58 -23.29 19.31
N THR B 285 26.89 -23.39 19.14
CA THR B 285 27.48 -24.37 18.22
C THR B 285 27.55 -25.74 18.91
N PHE B 286 27.65 -26.79 18.11
CA PHE B 286 27.84 -28.13 18.68
C PHE B 286 28.98 -28.81 17.90
N LYS B 287 29.98 -29.31 18.62
CA LYS B 287 31.23 -29.79 18.01
C LYS B 287 31.82 -28.79 17.03
N GLY B 288 31.82 -27.51 17.41
CA GLY B 288 32.28 -26.41 16.51
C GLY B 288 31.38 -26.05 15.32
N GLN B 289 30.26 -26.76 15.14
CA GLN B 289 29.42 -26.54 14.00
C GLN B 289 28.16 -25.75 14.45
N PRO B 290 27.61 -24.93 13.55
CA PRO B 290 26.39 -24.20 13.94
C PRO B 290 25.16 -25.09 14.17
N SER B 291 24.32 -24.74 15.13
CA SER B 291 22.99 -25.41 15.22
C SER B 291 22.26 -25.07 13.94
N LYS B 292 21.48 -25.99 13.37
CA LYS B 292 20.88 -25.80 12.08
C LYS B 292 19.35 -25.94 12.26
N PRO B 293 18.66 -24.84 12.56
CA PRO B 293 17.21 -24.90 12.66
C PRO B 293 16.56 -25.10 11.33
N PHE B 294 15.43 -25.80 11.31
CA PHE B 294 14.71 -25.93 10.11
C PHE B 294 13.98 -24.58 9.89
N VAL B 295 14.03 -24.00 8.71
CA VAL B 295 13.40 -22.70 8.51
C VAL B 295 12.00 -22.93 7.99
N GLY B 296 11.04 -22.26 8.59
CA GLY B 296 9.67 -22.41 8.15
C GLY B 296 9.14 -21.12 7.63
N VAL B 297 8.36 -21.21 6.55
CA VAL B 297 7.68 -20.03 6.08
C VAL B 297 6.20 -20.09 6.44
N LEU B 298 5.80 -19.24 7.36
CA LEU B 298 4.39 -19.14 7.75
C LEU B 298 3.69 -18.69 6.50
N SER B 299 2.71 -19.48 6.10
CA SER B 299 2.01 -19.34 4.84
C SER B 299 0.51 -19.54 4.98
N ALA B 300 -0.22 -18.99 4.01
CA ALA B 300 -1.69 -19.02 3.99
C ALA B 300 -2.19 -19.69 2.74
N GLY B 301 -2.86 -20.80 2.94
CA GLY B 301 -3.40 -21.58 1.83
C GLY B 301 -4.87 -21.42 1.75
N ILE B 302 -5.41 -21.67 0.55
CA ILE B 302 -6.84 -21.56 0.31
C ILE B 302 -7.48 -22.96 0.07
N ASN B 303 -8.46 -23.31 0.90
CA ASN B 303 -9.11 -24.63 0.89
C ASN B 303 -9.81 -24.82 -0.45
N ALA B 304 -9.49 -25.90 -1.12
CA ALA B 304 -10.08 -26.27 -2.41
C ALA B 304 -11.62 -26.28 -2.33
N ALA B 305 -12.19 -26.58 -1.16
CA ALA B 305 -13.62 -26.60 -0.96
C ALA B 305 -14.25 -25.20 -0.69
N SER B 306 -13.46 -24.16 -0.52
CA SER B 306 -14.03 -22.82 -0.31
C SER B 306 -14.75 -22.33 -1.59
N PRO B 307 -16.01 -21.89 -1.42
CA PRO B 307 -16.68 -21.13 -2.47
C PRO B 307 -16.26 -19.66 -2.49
N ASN B 308 -15.30 -19.22 -1.64
CA ASN B 308 -14.95 -17.82 -1.50
C ASN B 308 -13.49 -17.57 -1.91
N LYS B 309 -13.02 -18.28 -2.92
CA LYS B 309 -11.59 -18.20 -3.19
C LYS B 309 -11.18 -16.81 -3.67
N GLU B 310 -12.09 -16.12 -4.36
CA GLU B 310 -11.79 -14.81 -4.87
C GLU B 310 -11.72 -13.83 -3.68
N LEU B 311 -12.61 -14.01 -2.70
CA LEU B 311 -12.59 -13.14 -1.52
C LEU B 311 -11.29 -13.40 -0.67
N ALA B 312 -10.90 -14.67 -0.59
CA ALA B 312 -9.69 -15.10 0.12
C ALA B 312 -8.47 -14.42 -0.49
N LYS B 313 -8.40 -14.46 -1.83
CA LYS B 313 -7.33 -13.80 -2.58
C LYS B 313 -7.30 -12.30 -2.32
N GLU B 314 -8.46 -11.66 -2.30
CA GLU B 314 -8.51 -10.22 -1.99
C GLU B 314 -8.05 -9.95 -0.56
N PHE B 315 -8.48 -10.77 0.38
CA PHE B 315 -8.08 -10.55 1.75
C PHE B 315 -6.56 -10.74 1.87
N LEU B 316 -6.03 -11.84 1.36
CA LEU B 316 -4.62 -12.11 1.48
C LEU B 316 -3.74 -11.14 0.72
N GLU B 317 -4.08 -10.81 -0.54
CA GLU B 317 -3.26 -9.92 -1.32
C GLU B 317 -3.37 -8.45 -0.95
N ASN B 318 -4.59 -7.96 -0.75
CA ASN B 318 -4.86 -6.52 -0.65
C ASN B 318 -5.00 -6.06 0.77
N TYR B 319 -5.21 -6.99 1.73
CA TYR B 319 -5.38 -6.58 3.15
C TYR B 319 -4.25 -7.11 4.04
N LEU B 320 -4.00 -8.41 4.00
CA LEU B 320 -2.94 -8.96 4.90
C LEU B 320 -1.56 -8.66 4.42
N LEU B 321 -1.24 -8.97 3.18
CA LEU B 321 0.09 -8.71 2.71
C LEU B 321 0.32 -7.23 2.31
N THR B 322 0.17 -6.34 3.26
CA THR B 322 0.46 -4.95 3.14
C THR B 322 1.14 -4.59 4.44
N ASP B 323 1.75 -3.43 4.42
CA ASP B 323 2.51 -2.98 5.55
C ASP B 323 1.62 -2.86 6.76
N GLU B 324 0.41 -2.35 6.55
CA GLU B 324 -0.57 -2.13 7.60
C GLU B 324 -1.12 -3.48 8.12
N GLY B 325 -1.34 -4.43 7.22
CA GLY B 325 -1.84 -5.73 7.63
C GLY B 325 -0.84 -6.51 8.44
N LEU B 326 0.40 -6.59 7.95
CA LEU B 326 1.46 -7.30 8.66
C LEU B 326 1.77 -6.61 9.97
N GLU B 327 1.81 -5.30 9.92
CA GLU B 327 1.90 -4.61 11.14
C GLU B 327 0.87 -4.98 12.23
N ALA B 328 -0.42 -5.13 11.89
CA ALA B 328 -1.43 -5.43 12.94
C ALA B 328 -1.17 -6.81 13.55
N VAL B 329 -0.70 -7.70 12.73
CA VAL B 329 -0.42 -9.07 13.23
C VAL B 329 0.90 -9.05 14.07
N ASN B 330 1.94 -8.40 13.51
CA ASN B 330 3.22 -8.27 14.14
C ASN B 330 3.17 -7.60 15.54
N LYS B 331 2.36 -6.58 15.72
CA LYS B 331 2.28 -5.98 17.06
C LYS B 331 1.56 -6.86 18.09
N ASP B 332 0.78 -7.85 17.61
CA ASP B 332 0.18 -8.81 18.50
C ASP B 332 1.26 -9.78 18.91
N LYS B 333 1.75 -10.55 17.94
CA LYS B 333 2.90 -11.42 18.14
C LYS B 333 3.81 -11.31 16.96
N PRO B 334 5.09 -11.02 17.21
CA PRO B 334 6.01 -10.79 16.12
C PRO B 334 6.12 -11.94 15.14
N LEU B 335 6.15 -11.57 13.87
CA LEU B 335 6.20 -12.53 12.77
C LEU B 335 7.63 -12.99 12.53
N GLY B 336 8.58 -12.15 12.90
CA GLY B 336 10.00 -12.42 12.58
C GLY B 336 10.42 -11.55 11.38
N ALA B 337 11.04 -12.21 10.39
CA ALA B 337 11.41 -11.66 9.11
C ALA B 337 10.28 -11.88 8.13
N VAL B 338 9.67 -10.83 7.64
CA VAL B 338 8.49 -11.05 6.82
C VAL B 338 8.85 -11.24 5.33
N ALA B 339 7.94 -11.92 4.61
CA ALA B 339 8.12 -12.19 3.16
C ALA B 339 7.93 -10.96 2.27
N LEU B 340 7.28 -9.94 2.81
CA LEU B 340 6.86 -8.78 2.07
C LEU B 340 8.01 -7.77 2.22
N LYS B 341 8.57 -7.40 1.10
CA LYS B 341 9.80 -6.60 1.06
C LYS B 341 9.64 -5.26 1.73
N SER B 342 8.58 -4.57 1.37
CA SER B 342 8.33 -3.24 1.87
C SER B 342 8.31 -3.29 3.40
N TYR B 343 7.59 -4.23 3.99
CA TYR B 343 7.57 -4.28 5.43
C TYR B 343 8.86 -4.85 6.05
N GLU B 344 9.50 -5.80 5.40
CA GLU B 344 10.80 -6.25 5.92
C GLU B 344 11.83 -5.11 5.98
N GLU B 345 11.82 -4.26 4.97
CA GLU B 345 12.68 -3.05 4.99
C GLU B 345 12.34 -2.09 6.12
N GLU B 346 11.05 -1.87 6.41
CA GLU B 346 10.67 -1.05 7.58
C GLU B 346 11.15 -1.67 8.92
N LEU B 347 10.93 -2.98 9.11
CA LEU B 347 11.32 -3.66 10.36
C LEU B 347 12.84 -3.82 10.61
N GLY B 348 13.52 -4.40 9.62
CA GLY B 348 14.94 -4.81 9.75
C GLY B 348 15.95 -3.73 9.36
N GLY B 349 15.45 -2.72 8.64
CA GLY B 349 16.22 -1.51 8.31
C GLY B 349 17.46 -1.70 7.44
N SER B 350 17.35 -2.57 6.41
CA SER B 350 18.42 -2.87 5.43
C SER B 350 19.81 -3.05 6.08
N HIS B 351 19.91 -4.02 7.01
CA HIS B 351 21.14 -4.30 7.78
C HIS B 351 22.29 -4.93 6.95
N ASN B 352 21.93 -5.80 5.99
CA ASN B 352 22.96 -6.45 5.16
C ASN B 352 23.10 -5.76 3.84
N VAL B 353 24.28 -5.88 3.23
CA VAL B 353 24.56 -5.32 1.93
C VAL B 353 23.71 -6.14 0.96
N TYR B 354 22.95 -5.48 0.11
CA TYR B 354 22.00 -6.19 -0.76
C TYR B 354 22.36 -5.93 -2.20
N ILE B 355 22.77 -6.98 -2.92
CA ILE B 355 23.31 -6.84 -4.25
C ILE B 355 22.34 -7.34 -5.33
N MET B 356 22.19 -6.54 -6.39
CA MET B 356 21.30 -6.83 -7.51
C MET B 356 22.09 -6.60 -8.78
N ALA B 357 21.83 -7.42 -9.81
CA ALA B 357 22.47 -7.24 -11.11
C ALA B 357 21.97 -5.93 -11.68
N ASP B 358 22.85 -5.20 -12.35
CA ASP B 358 22.46 -4.05 -13.13
C ASP B 358 22.91 -4.40 -14.52
N LYS B 359 21.96 -4.92 -15.31
CA LYS B 359 22.26 -5.53 -16.60
C LYS B 359 22.87 -4.53 -17.57
N GLN B 360 22.35 -3.31 -17.55
CA GLN B 360 22.75 -2.26 -18.49
C GLN B 360 24.19 -1.76 -18.39
N ARG B 361 24.86 -1.91 -17.26
CA ARG B 361 26.26 -1.50 -17.16
C ARG B 361 27.18 -2.70 -16.95
N ASN B 362 26.65 -3.89 -17.22
CA ASN B 362 27.40 -5.14 -17.06
C ASN B 362 27.89 -5.34 -15.61
N GLY B 363 27.15 -4.78 -14.66
CA GLY B 363 27.64 -4.62 -13.30
C GLY B 363 26.60 -4.94 -12.26
N ILE B 364 26.71 -4.26 -11.12
CA ILE B 364 25.78 -4.45 -10.02
C ILE B 364 25.44 -3.13 -9.36
N LYS B 365 24.38 -3.14 -8.57
CA LYS B 365 24.03 -2.02 -7.73
C LYS B 365 23.72 -2.61 -6.35
N ALA B 366 23.84 -1.77 -5.33
CA ALA B 366 23.66 -2.24 -3.96
C ALA B 366 23.17 -1.07 -3.07
N ASN B 367 22.45 -1.42 -2.02
CA ASN B 367 22.00 -0.44 -1.06
C ASN B 367 21.95 -1.10 0.32
N PHE B 368 22.13 -0.28 1.34
CA PHE B 368 22.07 -0.75 2.68
C PHE B 368 22.15 0.44 3.60
N LYS B 369 21.91 0.23 4.88
CA LYS B 369 21.98 1.33 5.81
C LYS B 369 22.96 0.94 6.91
N ILE B 370 23.93 1.81 7.17
CA ILE B 370 24.83 1.68 8.34
C ILE B 370 24.27 2.46 9.51
N ARG B 371 24.33 1.87 10.71
CA ARG B 371 23.98 2.57 11.92
C ARG B 371 25.24 2.79 12.79
N HIS B 372 25.63 4.06 12.94
CA HIS B 372 26.81 4.39 13.73
C HIS B 372 26.37 4.80 15.11
N ASN B 373 26.88 4.16 16.15
CA ASN B 373 26.54 4.61 17.51
C ASN B 373 27.04 6.08 17.77
N ILE B 374 26.16 6.93 18.31
CA ILE B 374 26.52 8.30 18.68
C ILE B 374 27.06 8.28 20.06
N GLU B 375 28.08 9.10 20.30
CA GLU B 375 28.63 9.11 21.63
C GLU B 375 27.62 9.18 22.76
N ASP B 376 26.84 10.19 22.97
CA ASP B 376 26.19 10.03 24.34
C ASP B 376 24.87 9.13 24.32
N GLY B 377 24.68 8.32 23.27
CA GLY B 377 23.47 7.42 23.11
C GLY B 377 22.78 7.75 21.76
N GLY B 378 22.06 6.81 21.15
CA GLY B 378 21.43 7.08 19.84
C GLY B 378 22.25 6.51 18.69
N VAL B 379 21.63 6.48 17.51
CA VAL B 379 22.28 6.03 16.32
C VAL B 379 22.22 7.13 15.24
N GLN B 380 23.29 7.22 14.49
CA GLN B 380 23.40 8.11 13.36
C GLN B 380 23.33 7.25 12.11
N LEU B 381 22.25 7.32 11.34
CA LEU B 381 22.09 6.55 10.10
C LEU B 381 22.91 7.05 8.95
N ALA B 382 23.38 6.11 8.11
CA ALA B 382 24.12 6.43 6.88
C ALA B 382 23.57 5.56 5.77
N TYR B 383 22.80 6.19 4.89
CA TYR B 383 22.10 5.46 3.84
C TYR B 383 23.06 5.34 2.68
N HIS B 384 23.38 4.11 2.32
CA HIS B 384 24.32 3.83 1.23
C HIS B 384 23.63 3.43 -0.06
N TYR B 385 24.02 4.08 -1.15
CA TYR B 385 23.64 3.65 -2.49
C TYR B 385 24.88 3.37 -3.31
N GLN B 386 24.96 2.19 -3.92
CA GLN B 386 26.19 1.73 -4.53
C GLN B 386 25.98 1.19 -5.94
N GLN B 387 26.94 1.51 -6.81
CA GLN B 387 26.98 0.83 -8.09
C GLN B 387 28.42 0.51 -8.47
N ASN B 388 28.59 -0.66 -9.08
CA ASN B 388 29.89 -1.11 -9.57
C ASN B 388 29.84 -1.48 -11.06
N THR B 389 30.88 -1.06 -11.79
CA THR B 389 31.00 -1.24 -13.22
C THR B 389 32.39 -1.78 -13.53
N PRO B 390 32.46 -2.85 -14.33
CA PRO B 390 33.80 -3.30 -14.73
C PRO B 390 34.56 -2.22 -15.54
N ILE B 391 35.90 -2.20 -15.41
CA ILE B 391 36.77 -1.31 -16.22
C ILE B 391 37.06 -1.98 -17.58
N GLY B 392 37.25 -3.29 -17.57
CA GLY B 392 37.61 -4.02 -18.77
C GLY B 392 36.40 -4.23 -19.64
N ASP B 393 36.66 -4.55 -20.91
CA ASP B 393 35.62 -4.90 -21.90
C ASP B 393 35.27 -6.41 -21.88
N GLY B 394 35.95 -7.21 -21.06
CA GLY B 394 35.73 -8.68 -20.97
C GLY B 394 34.60 -9.10 -20.02
N PRO B 395 34.25 -10.42 -20.01
CA PRO B 395 32.93 -10.95 -19.58
C PRO B 395 32.79 -11.26 -18.08
N VAL B 396 31.74 -10.72 -17.43
CA VAL B 396 31.62 -10.83 -15.97
C VAL B 396 30.32 -11.47 -15.46
N LEU B 397 30.43 -12.04 -14.26
CA LEU B 397 29.31 -12.71 -13.59
C LEU B 397 28.29 -11.71 -13.05
N LEU B 398 27.05 -11.81 -13.52
CA LEU B 398 25.95 -11.03 -13.00
C LEU B 398 25.14 -11.90 -12.02
N PRO B 399 25.07 -11.51 -10.73
CA PRO B 399 24.45 -12.40 -9.76
C PRO B 399 22.92 -12.30 -9.69
N ASP B 400 22.35 -13.30 -9.05
CA ASP B 400 20.99 -13.24 -8.54
C ASP B 400 21.01 -12.37 -7.28
N ASN B 401 19.86 -11.80 -6.93
CA ASN B 401 19.77 -11.01 -5.70
C ASN B 401 20.33 -11.83 -4.52
N HIS B 402 21.28 -11.23 -3.78
CA HIS B 402 21.84 -11.86 -2.59
C HIS B 402 22.35 -10.80 -1.65
N TYR B 403 22.79 -11.23 -0.48
CA TYR B 403 23.43 -10.31 0.39
C TYR B 403 24.83 -10.73 0.82
N LEU B 404 25.56 -9.72 1.31
CA LEU B 404 26.84 -9.93 1.97
C LEU B 404 26.59 -9.55 3.39
N SER B 405 26.88 -10.47 4.29
CA SER B 405 26.90 -10.21 5.72
C SER B 405 28.33 -9.86 6.22
N THR B 406 28.45 -8.72 6.88
CA THR B 406 29.77 -8.18 7.27
C THR B 406 29.91 -7.95 8.76
N GLN B 407 31.07 -8.27 9.32
CA GLN B 407 31.36 -7.96 10.72
C GLN B 407 32.74 -7.29 10.72
N SER B 408 32.85 -6.21 11.47
CA SER B 408 34.01 -5.35 11.42
C SER B 408 34.37 -4.93 12.80
N LYS B 409 35.67 -4.94 13.07
CA LYS B 409 36.16 -4.62 14.38
C LYS B 409 37.26 -3.57 14.24
N LEU B 410 37.12 -2.45 14.94
CA LEU B 410 38.12 -1.39 14.92
C LEU B 410 39.01 -1.35 16.16
N SER B 411 40.27 -0.97 15.96
CA SER B 411 41.23 -0.89 17.06
C SER B 411 42.31 0.13 16.73
N LYS B 412 43.20 0.31 17.72
CA LYS B 412 44.31 1.26 17.66
C LYS B 412 45.64 0.56 17.87
N ASP B 413 46.66 1.02 17.13
CA ASP B 413 47.99 0.51 17.23
C ASP B 413 48.70 1.33 18.29
N PRO B 414 49.05 0.70 19.43
CA PRO B 414 49.74 1.38 20.56
C PRO B 414 50.98 2.24 20.22
N ASN B 415 51.69 1.95 19.15
CA ASN B 415 52.93 2.66 18.78
C ASN B 415 52.78 3.66 17.67
N GLU B 416 51.54 3.87 17.21
CA GLU B 416 51.31 4.77 16.11
C GLU B 416 50.84 6.10 16.71
N LYS B 417 51.62 7.15 16.45
CA LYS B 417 51.32 8.51 16.90
C LYS B 417 50.46 9.26 15.86
N ARG B 418 50.54 8.87 14.60
CA ARG B 418 49.61 9.38 13.59
C ARG B 418 48.12 9.04 13.85
N ASP B 419 47.24 9.91 13.37
CA ASP B 419 45.79 9.61 13.29
C ASP B 419 45.57 8.39 12.36
N HIS B 420 45.06 7.32 12.96
CA HIS B 420 44.99 5.99 12.31
C HIS B 420 43.80 5.12 12.77
N MET B 421 43.60 4.06 12.01
CA MET B 421 42.58 3.03 12.29
C MET B 421 43.08 1.64 11.92
N VAL B 422 42.99 0.71 12.85
CA VAL B 422 43.20 -0.71 12.56
C VAL B 422 41.88 -1.41 12.42
N LEU B 423 41.73 -2.13 11.31
CA LEU B 423 40.48 -2.78 10.94
C LEU B 423 40.64 -4.29 10.76
N LEU B 424 39.73 -5.05 11.36
CA LEU B 424 39.55 -6.48 11.08
C LEU B 424 38.10 -6.69 10.67
N GLU B 425 37.93 -7.25 9.47
CA GLU B 425 36.59 -7.49 8.82
C GLU B 425 36.45 -8.93 8.33
N PHE B 426 35.29 -9.52 8.58
CA PHE B 426 34.89 -10.76 7.96
C PHE B 426 33.66 -10.55 7.13
N VAL B 427 33.69 -10.99 5.88
CA VAL B 427 32.51 -10.85 5.03
C VAL B 427 32.17 -12.23 4.40
N THR B 428 30.90 -12.59 4.34
CA THR B 428 30.41 -13.82 3.67
C THR B 428 29.19 -13.48 2.83
N ALA B 429 29.08 -14.03 1.63
CA ALA B 429 27.80 -13.95 0.92
C ALA B 429 26.81 -14.94 1.54
N ALA B 430 25.52 -14.61 1.52
CA ALA B 430 24.46 -15.56 1.89
C ALA B 430 23.29 -15.45 0.91
N LYS B 451 38.38 -17.07 -13.96
CA LYS B 451 39.81 -16.72 -14.06
C LYS B 451 40.14 -15.69 -12.99
N GLY B 452 39.16 -14.87 -12.65
CA GLY B 452 39.32 -13.81 -11.67
C GLY B 452 39.58 -14.38 -10.31
N GLU B 453 38.78 -15.37 -9.93
CA GLU B 453 38.89 -15.99 -8.60
C GLU B 453 40.20 -16.70 -8.20
N GLU B 454 40.96 -17.19 -9.19
CA GLU B 454 42.23 -17.87 -8.94
C GLU B 454 43.20 -16.87 -8.39
N LEU B 455 43.02 -15.60 -8.76
CA LEU B 455 43.76 -14.48 -8.13
C LEU B 455 43.54 -14.37 -6.62
N PHE B 456 42.53 -15.07 -6.10
CA PHE B 456 42.18 -14.92 -4.68
C PHE B 456 42.40 -16.12 -3.73
N THR B 457 43.05 -17.19 -4.22
CA THR B 457 43.18 -18.42 -3.41
C THR B 457 44.23 -18.30 -2.32
N GLY B 458 45.07 -17.27 -2.40
CA GLY B 458 46.11 -17.04 -1.42
C GLY B 458 45.74 -15.85 -0.54
N VAL B 459 46.78 -15.17 -0.05
CA VAL B 459 46.57 -14.01 0.82
C VAL B 459 47.18 -12.85 0.01
N VAL B 460 46.35 -11.91 -0.41
CA VAL B 460 46.69 -10.84 -1.35
C VAL B 460 47.01 -9.55 -0.60
N PRO B 461 48.19 -8.96 -0.85
CA PRO B 461 48.41 -7.70 -0.18
C PRO B 461 47.52 -6.61 -0.79
N ILE B 462 47.13 -5.67 0.05
CA ILE B 462 46.17 -4.65 -0.35
C ILE B 462 46.82 -3.29 -0.04
N LEU B 463 46.56 -2.35 -0.94
CA LEU B 463 46.93 -0.99 -0.76
C LEU B 463 45.67 -0.14 -0.98
N VAL B 464 45.44 0.85 -0.11
CA VAL B 464 44.28 1.76 -0.22
C VAL B 464 44.79 3.20 -0.09
N GLU B 465 44.30 4.03 -1.02
CA GLU B 465 44.64 5.45 -1.09
C GLU B 465 43.34 6.26 -1.31
N LEU B 466 43.10 7.25 -0.48
CA LEU B 466 41.87 8.03 -0.55
C LEU B 466 42.26 9.52 -0.47
N ASP B 467 41.72 10.30 -1.38
CA ASP B 467 41.81 11.74 -1.30
C ASP B 467 40.41 12.23 -0.94
N GLY B 468 40.32 13.05 0.10
CA GLY B 468 39.01 13.53 0.56
C GLY B 468 38.86 15.04 0.64
N ASP B 469 37.61 15.49 0.54
CA ASP B 469 37.24 16.90 0.65
C ASP B 469 35.83 16.96 1.19
N VAL B 470 35.68 17.33 2.46
CA VAL B 470 34.39 17.34 3.06
C VAL B 470 34.10 18.76 3.56
N ASN B 471 33.06 19.42 2.98
CA ASN B 471 32.76 20.82 3.27
C ASN B 471 34.07 21.64 3.07
N GLY B 472 34.82 21.32 2.02
CA GLY B 472 36.05 22.06 1.69
C GLY B 472 37.26 21.75 2.56
N HIS B 473 37.14 20.81 3.50
CA HIS B 473 38.27 20.33 4.30
C HIS B 473 38.87 19.10 3.59
N LYS B 474 40.13 19.22 3.20
CA LYS B 474 40.75 18.24 2.37
C LYS B 474 41.60 17.35 3.29
N PHE B 475 41.65 16.06 2.98
CA PHE B 475 42.52 15.14 3.72
C PHE B 475 42.92 14.00 2.81
N SER B 476 43.93 13.25 3.20
CA SER B 476 44.27 12.01 2.50
C SER B 476 44.45 10.88 3.53
N VAL B 477 44.16 9.67 3.09
CA VAL B 477 44.33 8.45 3.92
C VAL B 477 45.06 7.44 3.09
N SER B 478 46.02 6.76 3.73
CA SER B 478 46.69 5.62 3.09
CA SER B 478 46.75 5.63 3.14
C SER B 478 46.42 4.38 3.96
N GLY B 479 46.24 3.25 3.31
CA GLY B 479 46.02 1.99 4.04
C GLY B 479 46.79 0.88 3.40
N GLU B 480 47.09 -0.13 4.20
CA GLU B 480 47.67 -1.35 3.66
C GLU B 480 47.36 -2.53 4.56
N GLY B 481 47.40 -3.70 3.97
CA GLY B 481 47.35 -4.92 4.79
C GLY B 481 47.10 -6.06 3.85
N GLU B 482 46.16 -6.94 4.16
CA GLU B 482 45.99 -8.13 3.39
C GLU B 482 44.59 -8.76 3.47
N GLY B 483 44.22 -9.43 2.41
CA GLY B 483 42.92 -10.04 2.32
C GLY B 483 43.05 -11.53 2.08
N ASP B 484 42.24 -12.29 2.82
CA ASP B 484 42.20 -13.72 2.64
C ASP B 484 40.78 -14.21 2.22
N ALA B 485 40.49 -14.29 0.92
CA ALA B 485 39.13 -14.58 0.44
C ALA B 485 38.62 -15.92 0.93
N THR B 486 39.53 -16.85 1.19
CA THR B 486 39.14 -18.16 1.68
C THR B 486 38.37 -18.04 3.00
N TYR B 487 38.70 -17.04 3.85
CA TYR B 487 37.99 -16.84 5.12
C TYR B 487 37.16 -15.53 5.14
N GLY B 488 37.00 -14.88 4.01
CA GLY B 488 36.35 -13.57 4.02
C GLY B 488 37.00 -12.55 4.96
N LYS B 489 38.32 -12.67 5.15
CA LYS B 489 39.06 -11.92 6.18
C LYS B 489 39.93 -10.78 5.62
N LEU B 490 39.73 -9.57 6.15
CA LEU B 490 40.56 -8.39 5.84
C LEU B 490 41.21 -7.93 7.12
N THR B 491 42.49 -7.57 7.02
CA THR B 491 43.22 -7.04 8.14
C THR B 491 44.00 -5.85 7.52
N LEU B 492 43.71 -4.65 7.97
CA LEU B 492 44.30 -3.45 7.42
C LEU B 492 44.57 -2.40 8.48
N LYS B 493 45.52 -1.51 8.18
CA LYS B 493 45.79 -0.30 8.96
C LYS B 493 45.75 0.90 8.02
N PHE B 494 45.01 1.91 8.46
CA PHE B 494 44.90 3.19 7.73
C PHE B 494 45.51 4.31 8.54
N ILE B 495 46.13 5.25 7.84
CA ILE B 495 46.72 6.41 8.53
C ILE B 495 46.22 7.67 7.84
N CYS B 496 45.87 8.71 8.59
CA CYS B 496 45.58 10.00 7.93
C CYS B 496 46.95 10.69 7.72
N THR B 497 47.35 10.86 6.43
CA THR B 497 48.72 11.30 6.07
C THR B 497 48.84 12.80 6.21
N THR B 498 47.68 13.47 6.23
CA THR B 498 47.64 14.93 6.12
C THR B 498 47.41 15.59 7.47
N GLY B 499 47.34 14.80 8.53
CA GLY B 499 47.18 15.30 9.89
C GLY B 499 45.96 14.69 10.59
N LYS B 500 45.19 15.52 11.29
CA LYS B 500 43.98 15.02 11.95
C LYS B 500 42.91 14.72 10.93
N LEU B 501 42.26 13.54 11.02
CA LEU B 501 41.14 13.21 10.12
C LEU B 501 39.92 14.13 10.44
N PRO B 502 39.41 14.89 9.46
CA PRO B 502 38.36 15.85 9.78
C PRO B 502 36.93 15.25 9.87
N VAL B 503 36.81 13.92 9.71
CA VAL B 503 35.52 13.18 9.91
C VAL B 503 35.85 11.95 10.82
N PRO B 504 34.85 11.29 11.41
CA PRO B 504 35.15 10.12 12.28
C PRO B 504 35.59 8.97 11.43
N TRP B 505 36.68 8.30 11.86
CA TRP B 505 37.11 7.09 11.17
C TRP B 505 35.98 6.11 10.76
N PRO B 506 35.03 5.82 11.65
CA PRO B 506 34.00 4.85 11.20
C PRO B 506 33.17 5.24 9.98
N THR B 507 33.05 6.54 9.68
CA THR B 507 32.31 7.01 8.51
C THR B 507 32.98 6.69 7.24
N LEU B 508 34.25 6.26 7.33
CA LEU B 508 35.00 5.97 6.16
C LEU B 508 35.18 4.47 5.92
N VAL B 509 34.77 3.64 6.85
CA VAL B 509 35.02 2.21 6.73
C VAL B 509 34.46 1.65 5.43
N THR B 510 33.18 1.92 5.15
CA THR B 510 32.62 1.34 3.96
C THR B 510 33.31 1.81 2.67
N THR B 511 33.80 3.05 2.65
CA THR B 511 34.51 3.57 1.46
C THR B 511 35.93 2.93 1.28
N LEU B 512 36.63 2.79 2.40
CA LEU B 512 37.99 2.16 2.45
C LEU B 512 38.01 0.63 2.24
C1 C12 B 513 35.40 -1.67 2.16
N2 C12 B 513 34.37 -2.05 2.95
CA2 C12 B 513 33.28 -2.12 2.12
CG1 C12 B 513 38.58 -1.98 4.38
OG1 C12 B 513 36.26 -1.86 5.02
C2 C12 B 513 33.69 -1.70 0.80
O2 C12 B 513 32.89 -1.64 -0.21
N3 C12 B 513 34.99 -1.48 0.85
CA1 C12 B 513 36.81 -1.47 2.62
N1 C12 B 513 36.98 -0.06 2.77
CB1 C12 B 513 37.14 -2.24 3.93
CA3 C12 B 513 35.76 -1.00 -0.27
C3 C12 B 513 36.24 -2.03 -1.24
O3 C12 B 513 36.44 -1.70 -2.40
CB2 C12 B 513 31.86 -2.42 2.35
CG2 C12 B 513 31.22 -2.68 3.63
CD1 C12 B 513 31.89 -2.62 4.86
CE1 C12 B 513 31.21 -2.79 6.07
CD2 C12 B 513 29.82 -2.69 3.62
CE2 C12 B 513 29.14 -2.85 4.83
CZ C12 B 513 29.83 -2.90 6.03
OH C12 B 513 29.18 -3.06 7.20
N VAL B 514 36.55 -3.23 -0.72
CA VAL B 514 37.25 -4.28 -1.51
C VAL B 514 36.47 -5.57 -1.36
N GLN B 515 35.22 -5.52 -1.81
CA GLN B 515 34.27 -6.60 -1.65
C GLN B 515 34.66 -7.81 -2.48
N CYS B 516 35.71 -7.67 -3.31
CA CYS B 516 36.26 -8.85 -3.99
C CYS B 516 36.83 -9.83 -2.95
N PHE B 517 37.05 -9.41 -1.71
CA PHE B 517 37.56 -10.34 -0.67
C PHE B 517 36.48 -11.08 0.09
N SER B 518 35.22 -10.88 -0.28
CA SER B 518 34.12 -11.64 0.37
C SER B 518 34.22 -13.16 0.16
N ARG B 519 33.88 -13.92 1.20
CA ARG B 519 33.79 -15.39 1.09
C ARG B 519 32.46 -15.72 0.43
N TYR B 520 32.51 -16.09 -0.84
CA TYR B 520 31.36 -16.59 -1.59
C TYR B 520 31.40 -18.11 -1.45
N PRO B 521 30.54 -18.71 -0.58
CA PRO B 521 30.55 -20.17 -0.36
C PRO B 521 30.26 -20.97 -1.64
N ASP B 522 30.53 -22.27 -1.57
CA ASP B 522 30.62 -23.13 -2.78
C ASP B 522 29.49 -22.97 -3.79
N HIS B 523 28.25 -23.11 -3.35
CA HIS B 523 27.15 -23.08 -4.30
C HIS B 523 26.96 -21.68 -4.96
N MET B 524 27.58 -20.63 -4.39
CA MET B 524 27.33 -19.25 -4.83
C MET B 524 28.38 -18.60 -5.74
N LYS B 525 29.37 -19.37 -6.20
CA LYS B 525 30.52 -18.79 -6.94
C LYS B 525 30.13 -18.00 -8.22
N GLN B 526 29.07 -18.43 -8.90
CA GLN B 526 28.65 -17.77 -10.15
C GLN B 526 27.99 -16.42 -9.91
N HIS B 527 27.76 -16.10 -8.64
CA HIS B 527 27.18 -14.84 -8.26
C HIS B 527 28.25 -13.80 -7.82
N ASP B 528 29.51 -14.22 -7.68
CA ASP B 528 30.59 -13.30 -7.25
C ASP B 528 31.06 -12.41 -8.40
N PHE B 529 30.36 -11.31 -8.61
CA PHE B 529 30.76 -10.32 -9.60
C PHE B 529 32.17 -9.77 -9.41
N PHE B 530 32.52 -9.55 -8.14
CA PHE B 530 33.66 -8.69 -7.78
C PHE B 530 34.98 -9.31 -8.28
N LYS B 531 35.16 -10.59 -7.97
CA LYS B 531 36.37 -11.32 -8.35
C LYS B 531 36.37 -11.60 -9.84
N SER B 532 35.18 -11.86 -10.40
CA SER B 532 35.04 -12.10 -11.82
C SER B 532 35.60 -10.93 -12.63
N ALA B 533 35.57 -9.70 -12.10
CA ALA B 533 36.03 -8.52 -12.88
C ALA B 533 37.56 -8.28 -12.86
N MET B 534 38.29 -9.11 -12.13
CA MET B 534 39.77 -9.00 -12.01
C MET B 534 40.48 -9.89 -13.03
N PRO B 535 41.72 -9.53 -13.41
CA PRO B 535 42.58 -8.44 -12.88
C PRO B 535 42.23 -6.99 -13.23
N GLU B 536 41.41 -6.78 -14.25
CA GLU B 536 41.21 -5.43 -14.80
C GLU B 536 40.47 -4.54 -13.78
N GLY B 537 39.54 -5.13 -13.03
CA GLY B 537 38.95 -4.47 -11.86
C GLY B 537 37.67 -3.75 -12.18
N TYR B 538 37.18 -2.96 -11.21
CA TYR B 538 35.92 -2.23 -11.34
C TYR B 538 35.98 -0.85 -10.72
N ILE B 539 35.01 -0.05 -11.09
CA ILE B 539 34.75 1.27 -10.55
C ILE B 539 33.63 1.12 -9.49
N GLN B 540 33.86 1.62 -8.27
CA GLN B 540 32.83 1.55 -7.25
C GLN B 540 32.43 2.94 -6.90
N GLU B 541 31.15 3.22 -7.09
CA GLU B 541 30.57 4.52 -6.75
C GLU B 541 29.47 4.42 -5.72
N ARG B 542 29.53 5.32 -4.74
CA ARG B 542 28.45 5.44 -3.75
C ARG B 542 28.02 6.85 -3.52
N THR B 543 26.74 6.98 -3.13
CA THR B 543 26.29 8.15 -2.32
C THR B 543 25.87 7.65 -0.95
N ILE B 544 26.36 8.33 0.10
CA ILE B 544 26.07 8.04 1.46
C ILE B 544 25.47 9.29 2.08
N PHE B 545 24.23 9.18 2.55
CA PHE B 545 23.50 10.28 3.12
C PHE B 545 23.48 10.05 4.65
N PHE B 546 24.02 11.01 5.39
CA PHE B 546 23.96 10.97 6.85
C PHE B 546 22.71 11.67 7.28
N LYS B 547 21.83 10.90 7.92
CA LYS B 547 20.59 11.45 8.46
C LYS B 547 20.82 12.78 9.21
N ASP B 548 20.10 13.81 8.73
CA ASP B 548 20.02 15.14 9.33
C ASP B 548 21.35 15.86 9.15
N ASP B 549 22.12 15.51 8.11
CA ASP B 549 23.45 16.01 7.93
C ASP B 549 23.83 15.93 6.44
N GLY B 550 25.08 15.96 6.20
CA GLY B 550 25.60 16.00 4.85
C GLY B 550 25.67 14.66 4.21
N ASN B 551 26.27 14.65 3.05
CA ASN B 551 26.42 13.41 2.28
C ASN B 551 27.81 13.28 1.69
N TYR B 552 28.26 12.03 1.47
CA TYR B 552 29.46 11.72 0.73
C TYR B 552 29.11 11.17 -0.68
N LYS B 553 29.96 11.51 -1.63
CA LYS B 553 29.94 10.97 -2.98
C LYS B 553 31.32 10.36 -3.16
N THR B 554 31.37 9.11 -3.60
CA THR B 554 32.63 8.36 -3.76
C THR B 554 32.75 7.68 -5.10
N ARG B 555 34.01 7.62 -5.59
CA ARG B 555 34.38 6.94 -6.81
C ARG B 555 35.73 6.29 -6.55
N ALA B 556 35.78 5.00 -6.73
CA ALA B 556 36.98 4.26 -6.42
C ALA B 556 37.28 3.39 -7.62
N GLU B 557 38.57 3.17 -7.88
CA GLU B 557 39.02 2.19 -8.83
C GLU B 557 39.61 1.03 -8.01
N VAL B 558 39.04 -0.17 -8.20
CA VAL B 558 39.51 -1.37 -7.50
C VAL B 558 40.11 -2.29 -8.56
N LYS B 559 41.43 -2.49 -8.53
CA LYS B 559 42.11 -3.32 -9.52
C LYS B 559 43.45 -3.83 -9.04
N PHE B 560 43.99 -4.82 -9.74
CA PHE B 560 45.34 -5.29 -9.45
C PHE B 560 46.36 -4.32 -10.07
N GLU B 561 47.34 -3.96 -9.24
CA GLU B 561 48.60 -3.36 -9.69
C GLU B 561 49.67 -4.40 -9.35
N GLY B 562 50.12 -5.09 -10.42
CA GLY B 562 50.92 -6.29 -10.32
C GLY B 562 50.18 -7.34 -9.52
N ASP B 563 50.72 -7.67 -8.36
CA ASP B 563 50.16 -8.65 -7.41
C ASP B 563 49.45 -8.01 -6.18
N THR B 564 49.29 -6.69 -6.16
CA THR B 564 48.65 -6.01 -5.05
C THR B 564 47.29 -5.54 -5.50
N LEU B 565 46.29 -5.79 -4.66
CA LEU B 565 44.93 -5.30 -4.94
C LEU B 565 44.89 -3.86 -4.40
N VAL B 566 44.66 -2.92 -5.30
CA VAL B 566 44.65 -1.54 -4.95
C VAL B 566 43.23 -0.95 -5.05
N ASN B 567 42.88 -0.15 -4.05
CA ASN B 567 41.63 0.61 -3.96
C ASN B 567 41.98 2.13 -3.89
N ARG B 568 41.79 2.86 -5.00
CA ARG B 568 42.12 4.28 -5.09
C ARG B 568 40.79 5.04 -5.15
N ILE B 569 40.62 5.95 -4.21
CA ILE B 569 39.29 6.51 -3.89
C ILE B 569 39.32 8.03 -3.92
N GLU B 570 38.30 8.60 -4.56
CA GLU B 570 38.03 10.03 -4.43
C GLU B 570 36.72 10.18 -3.66
N LEU B 571 36.73 11.00 -2.60
CA LEU B 571 35.56 11.28 -1.76
C LEU B 571 35.33 12.79 -1.69
N LYS B 572 34.13 13.23 -2.03
CA LYS B 572 33.63 14.59 -1.85
C LYS B 572 32.41 14.58 -0.89
N GLY B 573 32.49 15.39 0.19
CA GLY B 573 31.38 15.56 1.11
C GLY B 573 30.89 17.02 1.16
N ILE B 574 29.55 17.20 1.25
CA ILE B 574 28.90 18.51 1.19
C ILE B 574 27.71 18.56 2.13
N ASP B 575 27.27 19.79 2.45
CA ASP B 575 26.10 20.05 3.25
C ASP B 575 26.24 19.59 4.69
N PHE B 576 27.47 19.45 5.21
CA PHE B 576 27.62 18.93 6.57
C PHE B 576 27.48 20.03 7.55
N LYS B 577 27.05 19.72 8.78
CA LYS B 577 27.00 20.72 9.88
C LYS B 577 28.33 20.72 10.63
N GLU B 578 28.90 21.89 10.89
CA GLU B 578 30.23 21.95 11.52
C GLU B 578 30.15 21.42 12.94
N ASP B 579 29.02 21.55 13.61
CA ASP B 579 28.86 21.01 14.96
C ASP B 579 27.96 19.73 14.95
N GLY B 580 27.79 19.12 13.78
CA GLY B 580 27.05 17.85 13.70
C GLY B 580 27.89 16.65 14.17
N ASN B 581 27.32 15.46 14.10
CA ASN B 581 28.02 14.28 14.55
C ASN B 581 29.27 13.93 13.75
N ILE B 582 29.34 14.35 12.47
CA ILE B 582 30.41 13.97 11.57
C ILE B 582 31.59 14.93 11.69
N LEU B 583 31.40 16.19 11.27
CA LEU B 583 32.41 17.22 11.50
C LEU B 583 32.71 17.54 12.97
N GLY B 584 31.76 17.35 13.87
CA GLY B 584 32.03 17.57 15.29
C GLY B 584 32.61 16.37 16.05
N HIS B 585 32.90 15.30 15.33
CA HIS B 585 33.49 14.10 15.95
C HIS B 585 32.68 13.56 17.14
N LYS B 586 31.40 13.28 16.94
CA LYS B 586 30.56 12.75 18.04
C LYS B 586 30.06 11.28 17.86
N LEU B 587 30.73 10.50 17.00
CA LEU B 587 30.48 9.07 16.81
C LEU B 587 31.50 8.20 17.59
N GLU B 588 31.01 7.15 18.21
CA GLU B 588 31.86 6.18 18.91
C GLU B 588 32.82 5.57 17.96
N TYR B 589 34.04 5.38 18.44
CA TYR B 589 35.06 4.69 17.65
C TYR B 589 34.81 3.18 17.68
N ASN B 590 33.92 2.72 16.78
CA ASN B 590 33.65 1.26 16.65
C ASN B 590 32.89 1.07 15.36
N PHE B 591 32.70 -0.18 14.94
CA PHE B 591 31.80 -0.47 13.81
C PHE B 591 30.86 -1.57 14.18
N ASN B 592 30.23 -1.40 15.35
CA ASN B 592 29.23 -2.33 15.85
C ASN B 592 28.05 -2.43 14.87
N ASN B 593 27.71 -1.31 14.24
CA ASN B 593 26.66 -1.31 13.24
C ASN B 593 25.44 -2.16 13.73
N PRO B 594 24.84 -1.74 14.85
CA PRO B 594 23.75 -2.50 15.36
C PRO B 594 22.60 -2.59 14.33
N ALA B 595 21.89 -3.69 14.40
CA ALA B 595 20.67 -3.86 13.62
C ALA B 595 19.52 -3.03 14.23
N LYS B 596 18.63 -2.52 13.39
CA LYS B 596 17.45 -1.81 13.85
C LYS B 596 16.74 -2.73 14.84
N ASP B 597 16.54 -4.00 14.46
CA ASP B 597 15.99 -4.92 15.44
C ASP B 597 16.95 -6.10 15.50
N PRO B 598 17.76 -6.17 16.58
CA PRO B 598 18.74 -7.26 16.68
C PRO B 598 18.06 -8.62 16.77
N ARG B 599 16.81 -8.67 17.21
CA ARG B 599 16.13 -9.97 17.34
C ARG B 599 15.81 -10.60 15.96
N ILE B 600 15.44 -9.74 15.04
CA ILE B 600 15.18 -10.13 13.67
C ILE B 600 16.52 -10.50 12.98
N ALA B 601 17.58 -9.75 13.22
CA ALA B 601 18.90 -10.07 12.67
C ALA B 601 19.35 -11.44 13.18
N ALA B 602 19.18 -11.70 14.49
CA ALA B 602 19.48 -13.04 15.04
C ALA B 602 18.64 -14.13 14.35
N THR B 603 17.35 -13.82 14.15
CA THR B 603 16.50 -14.74 13.41
C THR B 603 17.06 -15.06 12.06
N MET B 604 17.53 -14.07 11.33
CA MET B 604 17.92 -14.35 9.95
C MET B 604 19.30 -14.99 10.00
N GLU B 605 20.10 -14.65 10.99
CA GLU B 605 21.37 -15.35 11.11
C GLU B 605 21.18 -16.85 11.37
N ASN B 606 20.25 -17.19 12.24
CA ASN B 606 19.99 -18.60 12.56
C ASN B 606 19.39 -19.31 11.29
N ALA B 607 18.46 -18.62 10.64
CA ALA B 607 17.88 -19.11 9.40
C ALA B 607 18.95 -19.39 8.36
N GLN B 608 19.91 -18.49 8.20
CA GLN B 608 20.90 -18.71 7.17
C GLN B 608 21.79 -19.87 7.57
N LYS B 609 21.88 -20.19 8.85
CA LYS B 609 22.67 -21.36 9.24
C LYS B 609 21.91 -22.67 9.18
N GLY B 610 20.60 -22.60 9.05
CA GLY B 610 19.82 -23.82 8.99
C GLY B 610 19.41 -24.19 7.58
N GLU B 611 18.31 -24.87 7.45
CA GLU B 611 17.79 -25.01 6.12
C GLU B 611 16.26 -24.96 6.00
N ILE B 612 15.82 -24.54 4.81
CA ILE B 612 14.42 -24.41 4.47
C ILE B 612 13.77 -25.79 4.63
N MET B 613 12.62 -25.90 5.28
CA MET B 613 11.93 -27.21 5.38
C MET B 613 11.48 -27.74 3.99
N PRO B 614 11.58 -29.05 3.80
CA PRO B 614 10.95 -29.57 2.59
C PRO B 614 9.47 -29.47 2.77
N ASN B 615 8.73 -29.43 1.68
CA ASN B 615 7.24 -29.47 1.75
C ASN B 615 6.65 -30.75 1.27
N ILE B 616 7.48 -31.75 1.00
CA ILE B 616 7.03 -33.01 0.44
C ILE B 616 6.08 -33.69 1.41
N PRO B 617 5.21 -34.56 0.89
CA PRO B 617 4.19 -35.19 1.70
C PRO B 617 4.72 -35.99 2.86
N GLN B 618 5.90 -36.54 2.70
CA GLN B 618 6.53 -37.39 3.70
C GLN B 618 6.97 -36.65 4.97
N MET B 619 6.92 -35.31 4.93
CA MET B 619 7.32 -34.51 6.07
C MET B 619 6.52 -34.85 7.30
N SER B 620 5.25 -35.24 7.17
CA SER B 620 4.49 -35.56 8.38
C SER B 620 5.00 -36.83 9.04
N ALA B 621 5.51 -37.77 8.23
CA ALA B 621 5.99 -39.05 8.74
C ALA B 621 7.32 -38.75 9.40
N PHE B 622 8.08 -37.89 8.74
CA PHE B 622 9.31 -37.45 9.35
C PHE B 622 9.08 -36.90 10.74
N TRP B 623 8.19 -35.93 10.86
CA TRP B 623 7.96 -35.27 12.12
C TRP B 623 7.47 -36.24 13.18
N TYR B 624 6.57 -37.16 12.80
CA TYR B 624 6.03 -38.07 13.80
C TYR B 624 7.15 -39.01 14.23
N ALA B 625 7.89 -39.57 13.29
CA ALA B 625 9.00 -40.46 13.70
C ALA B 625 10.02 -39.77 14.62
N VAL B 626 10.43 -38.54 14.28
CA VAL B 626 11.48 -37.88 15.00
C VAL B 626 10.94 -37.45 16.39
N ARG B 627 9.66 -37.07 16.46
CA ARG B 627 9.09 -36.68 17.73
C ARG B 627 9.15 -37.84 18.69
N THR B 628 8.78 -39.00 18.15
CA THR B 628 8.66 -40.21 18.98
C THR B 628 10.05 -40.58 19.51
N ALA B 629 11.03 -40.56 18.60
CA ALA B 629 12.40 -40.91 18.96
C ALA B 629 12.96 -40.00 20.01
N VAL B 630 12.76 -38.67 19.86
CA VAL B 630 13.35 -37.75 20.84
C VAL B 630 12.67 -37.96 22.18
N ILE B 631 11.33 -38.12 22.20
CA ILE B 631 10.65 -38.24 23.52
C ILE B 631 11.05 -39.56 24.17
N ASN B 632 11.22 -40.58 23.36
CA ASN B 632 11.54 -41.89 23.91
C ASN B 632 12.92 -41.84 24.54
N ALA B 633 13.88 -41.38 23.76
CA ALA B 633 15.29 -41.30 24.22
C ALA B 633 15.43 -40.45 25.46
N ALA B 634 14.76 -39.28 25.46
CA ALA B 634 14.84 -38.32 26.54
C ALA B 634 14.31 -38.93 27.82
N SER B 635 13.29 -39.76 27.69
CA SER B 635 12.68 -40.37 28.85
C SER B 635 13.30 -41.73 29.17
N GLY B 636 14.35 -42.12 28.46
CA GLY B 636 15.07 -43.37 28.76
C GLY B 636 14.40 -44.66 28.28
N ARG B 637 13.55 -44.61 27.25
CA ARG B 637 12.81 -45.84 26.93
C ARG B 637 13.65 -46.97 26.30
N GLN B 638 14.37 -46.61 25.25
CA GLN B 638 15.39 -47.43 24.64
C GLN B 638 16.58 -46.48 24.58
N THR B 639 17.64 -46.90 23.91
CA THR B 639 18.81 -46.03 23.71
C THR B 639 18.63 -45.05 22.54
N VAL B 640 19.45 -44.02 22.52
CA VAL B 640 19.49 -43.13 21.37
C VAL B 640 19.60 -43.87 20.05
N ASP B 641 20.53 -44.82 19.97
CA ASP B 641 20.83 -45.57 18.74
C ASP B 641 19.58 -46.31 18.33
N GLU B 642 18.99 -47.06 19.26
CA GLU B 642 17.76 -47.83 18.94
C GLU B 642 16.57 -46.93 18.50
N ASP B 643 16.37 -45.83 19.23
CA ASP B 643 15.24 -44.93 18.93
C ASP B 643 15.40 -44.31 17.54
N LEU B 644 16.61 -43.83 17.25
CA LEU B 644 16.82 -43.22 15.95
C LEU B 644 16.76 -44.30 14.88
N LYS B 645 17.17 -45.53 15.20
CA LYS B 645 17.04 -46.59 14.20
C LYS B 645 15.58 -46.82 13.81
N ASP B 646 14.70 -46.91 14.81
CA ASP B 646 13.25 -47.06 14.59
C ASP B 646 12.65 -45.89 13.81
N ALA B 647 13.12 -44.69 14.12
CA ALA B 647 12.69 -43.49 13.37
C ALA B 647 13.09 -43.61 11.91
N GLN B 648 14.37 -43.91 11.67
CA GLN B 648 14.88 -44.08 10.33
C GLN B 648 13.98 -45.07 9.56
N THR B 649 13.64 -46.20 10.18
CA THR B 649 12.94 -47.29 9.47
C THR B 649 11.54 -46.86 9.15
N ARG B 650 10.89 -46.30 10.15
CA ARG B 650 9.56 -45.74 9.99
C ARG B 650 9.52 -44.74 8.85
N ILE B 651 10.43 -43.78 8.83
CA ILE B 651 10.31 -42.69 7.84
C ILE B 651 10.43 -43.23 6.40
N THR B 652 11.35 -44.18 6.17
CA THR B 652 11.69 -44.68 4.81
C THR B 652 10.90 -45.92 4.36
N LYS B 653 9.80 -46.20 5.03
CA LYS B 653 9.01 -47.43 4.85
C LYS B 653 7.64 -46.96 4.43
C1 GLC C . -7.30 27.07 -6.21
C2 GLC C . -7.34 26.04 -7.31
C3 GLC C . -6.79 26.65 -8.58
C4 GLC C . -7.38 28.06 -8.83
C5 GLC C . -7.20 28.96 -7.61
C6 GLC C . -8.00 30.25 -7.79
O1 GLC C . -6.04 27.31 -5.79
O2 GLC C . -6.52 24.95 -7.00
O3 GLC C . -7.06 25.73 -9.66
O4 GLC C . -6.66 28.58 -9.90
O5 GLC C . -7.79 28.38 -6.51
O6 GLC C . -7.49 31.23 -6.91
C1 GLC C . -7.32 28.55 -11.17
C2 GLC C . -6.32 28.12 -12.25
C3 GLC C . -5.18 29.10 -12.34
C4 GLC C . -5.80 30.45 -12.66
C5 GLC C . -6.89 30.80 -11.62
C6 GLC C . -7.69 32.07 -11.98
O2 GLC C . -5.83 26.86 -11.89
O3 GLC C . -4.19 28.66 -13.26
O4 GLC C . -4.83 31.50 -12.65
O5 GLC C . -7.92 29.79 -11.47
O6 GLC C . -8.55 32.53 -10.95
C1 GLC D . 5.66 -22.96 15.65
C2 GLC D . 6.14 -22.91 14.19
C3 GLC D . 5.92 -24.22 13.45
C4 GLC D . 6.34 -25.41 14.35
C5 GLC D . 5.78 -25.34 15.77
C6 GLC D . 6.46 -26.43 16.57
O1 GLC D . 4.32 -23.09 15.75
O2 GLC D . 5.47 -21.86 13.50
O3 GLC D . 6.66 -24.22 12.20
O4 GLC D . 5.97 -26.59 13.70
O5 GLC D . 6.08 -24.13 16.39
O6 GLC D . 5.66 -26.68 17.65
C1 GLC D . 6.97 -27.27 12.96
C2 GLC D . 6.40 -27.79 11.69
C3 GLC D . 5.25 -28.71 11.99
C4 GLC D . 5.87 -29.89 12.72
C5 GLC D . 6.57 -29.42 13.99
C6 GLC D . 7.46 -30.46 14.68
O2 GLC D . 5.98 -26.65 10.91
O3 GLC D . 4.62 -29.11 10.79
O4 GLC D . 4.83 -30.80 13.16
O5 GLC D . 7.52 -28.41 13.63
O6 GLC D . 7.62 -30.10 16.09
#